data_8K5T
#
_entry.id   8K5T
#
_cell.length_a   123.971
_cell.length_b   56.866
_cell.length_c   171.888
_cell.angle_alpha   90.000
_cell.angle_beta   96.440
_cell.angle_gamma   90.000
#
_symmetry.space_group_name_H-M   'I 1 2 1'
#
loop_
_entity.id
_entity.type
_entity.pdbx_description
1 polymer 'Enterobactin synthase component E'
2 non-polymer '[(2~{R},3~{S},4~{R},5~{R})-5-(6-aminopurin-9-yl)-3,4-bis(oxidanyl)oxolan-2-yl]methyl ~{N}-(3-chloranyl-2-methyl-phenyl)carbonylsulfamate'
3 water water
#
_entity_poly.entity_id   1
_entity_poly.type   'polypeptide(L)'
_entity_poly.pdbx_seq_one_letter_code
;MSIPFTRWPEEFARRYREKGYWQDLPLTDILTRHAASDSIAVIDGERQLSYRELNQAADNLACSLRRQGIKPGETALVQL
GNVAELYITFFALLKLGVAPVLALFSHQRSELNAYASQIEPALLIADRQHALFSGDDFLNTFVTEHSSIRVVQLLNDSGE
HNLQDAINHPAEDFTATPSPADEVAYFQLSGGTTGTPKLIPRTHNDYYYSVRRSVEICQFTQQTRYLCAIPAAHGYAMSS
PGSLGVFLAGGTVVLAADPSATLCFPLIEKHQVNVTALVPPAVSLWLQALIEGESRAQLASLKLLQVGGARLSATLAARI
PAEIGCQLQQVFGMAEGLVNYTRLDDSAEKIIHTQGYPMCPDDEVWVADAEGNPLPQGEVGRLMTRGPYTFRGYYKSPQH
NASAFDANGFYCSGDLISIDPEGYITVQGREKDQINRGGEKIAAEEIENLLLRHPAVIYAALVSMEDELMGEKSCAYLVV
KEPLRAVQVRRFLREQGIAEFKLPDRVECVDSLPLTAVGKVDKKQLRQWLASRASATNSSSVDKLAAALEHHHHHH
;
_entity_poly.pdbx_strand_id   A,B
#
loop_
_chem_comp.id
_chem_comp.type
_chem_comp.name
_chem_comp.formula
VQ5 non-polymer '[(2~{R},3~{S},4~{R},5~{R})-5-(6-aminopurin-9-yl)-3,4-bis(oxidanyl)oxolan-2-yl]methyl ~{N}-(3-chloranyl-2-methyl-phenyl)carbonylsulfamate' 'C18 H19 Cl N6 O7 S'
#
# COMPACT_ATOMS: atom_id res chain seq x y z
N ILE A 3 -38.19 28.73 5.17
CA ILE A 3 -36.83 28.09 5.05
C ILE A 3 -36.83 26.77 5.81
N PRO A 4 -36.69 25.62 5.10
CA PRO A 4 -36.87 24.31 5.70
C PRO A 4 -35.62 23.80 6.46
N PHE A 5 -35.83 23.33 7.68
CA PHE A 5 -34.80 22.78 8.59
C PHE A 5 -35.41 21.66 9.43
N THR A 6 -34.58 20.79 10.03
CA THR A 6 -35.06 19.72 10.93
C THR A 6 -35.39 20.33 12.30
N ARG A 7 -36.66 20.27 12.71
CA ARG A 7 -37.16 20.77 14.00
C ARG A 7 -36.80 19.76 15.10
N TRP A 8 -36.77 20.21 16.35
CA TRP A 8 -36.70 19.33 17.53
C TRP A 8 -38.08 18.69 17.72
N PRO A 9 -38.19 17.44 18.24
CA PRO A 9 -39.50 16.91 18.62
C PRO A 9 -40.12 17.88 19.65
N GLU A 10 -41.45 17.89 19.76
CA GLU A 10 -42.18 18.93 20.51
C GLU A 10 -41.86 18.82 22.00
N GLU A 11 -41.71 17.58 22.52
CA GLU A 11 -41.43 17.34 23.96
C GLU A 11 -40.04 17.91 24.31
N PHE A 12 -39.13 17.97 23.33
CA PHE A 12 -37.77 18.55 23.47
C PHE A 12 -37.85 20.08 23.46
N ALA A 13 -38.52 20.67 22.46
CA ALA A 13 -38.76 22.14 22.38
C ALA A 13 -39.41 22.64 23.68
N ARG A 14 -40.36 21.87 24.22
CA ARG A 14 -41.14 22.23 25.44
C ARG A 14 -40.22 22.17 26.67
N ARG A 15 -39.47 21.08 26.81
CA ARG A 15 -38.49 20.89 27.92
C ARG A 15 -37.48 22.05 27.87
N TYR A 16 -36.91 22.35 26.69
CA TYR A 16 -35.84 23.37 26.50
C TYR A 16 -36.40 24.77 26.79
N ARG A 17 -37.70 24.98 26.57
CA ARG A 17 -38.39 26.25 26.95
C ARG A 17 -38.63 26.26 28.47
N GLU A 18 -39.13 25.16 29.05
CA GLU A 18 -39.45 25.03 30.49
C GLU A 18 -38.19 25.34 31.33
N LYS A 19 -37.01 24.87 30.92
CA LYS A 19 -35.73 25.01 31.67
C LYS A 19 -35.06 26.36 31.36
N GLY A 20 -35.61 27.14 30.42
CA GLY A 20 -35.21 28.55 30.18
C GLY A 20 -34.10 28.67 29.15
N TYR A 21 -33.75 27.60 28.46
CA TYR A 21 -32.68 27.59 27.40
C TYR A 21 -33.14 28.43 26.21
N TRP A 22 -34.28 28.06 25.62
CA TRP A 22 -34.96 28.81 24.55
C TRP A 22 -35.78 29.92 25.19
N GLN A 23 -35.43 31.18 24.93
CA GLN A 23 -36.08 32.38 25.51
C GLN A 23 -37.00 33.04 24.48
N ASP A 24 -37.08 32.47 23.27
CA ASP A 24 -37.95 32.92 22.14
C ASP A 24 -37.66 34.38 21.78
N LEU A 25 -36.39 34.80 21.86
CA LEU A 25 -35.95 36.16 21.44
C LEU A 25 -35.14 36.05 20.15
N PRO A 26 -35.27 37.04 19.24
CA PRO A 26 -34.42 37.09 18.06
C PRO A 26 -32.98 37.44 18.48
N LEU A 27 -32.00 37.19 17.60
CA LEU A 27 -30.56 37.45 17.86
C LEU A 27 -30.30 38.96 17.78
N THR A 28 -31.20 39.70 17.14
CA THR A 28 -31.17 41.19 17.03
C THR A 28 -31.11 41.77 18.45
N ASP A 29 -31.77 41.11 19.40
CA ASP A 29 -31.85 41.50 20.82
C ASP A 29 -30.44 41.73 21.38
N ILE A 30 -29.46 40.92 20.95
CA ILE A 30 -28.03 41.00 21.41
C ILE A 30 -27.52 42.43 21.21
N LEU A 31 -27.93 43.08 20.13
CA LEU A 31 -27.47 44.44 19.73
C LEU A 31 -28.45 45.51 20.23
N THR A 32 -29.75 45.28 20.11
CA THR A 32 -30.81 46.33 20.30
C THR A 32 -30.99 46.60 21.81
N ARG A 33 -30.61 45.67 22.70
CA ARG A 33 -30.59 45.94 24.16
C ARG A 33 -29.61 47.09 24.45
N HIS A 34 -28.63 47.32 23.55
CA HIS A 34 -27.54 48.32 23.69
C HIS A 34 -27.73 49.50 22.73
N ALA A 35 -28.92 49.64 22.13
CA ALA A 35 -29.22 50.60 21.04
C ALA A 35 -29.04 52.04 21.52
N ALA A 36 -29.14 52.28 22.83
CA ALA A 36 -29.05 53.63 23.45
C ALA A 36 -27.59 53.96 23.83
N SER A 37 -26.68 52.98 23.75
CA SER A 37 -25.33 53.03 24.36
C SER A 37 -24.31 53.69 23.41
N ASP A 38 -23.38 54.46 23.97
CA ASP A 38 -22.28 55.17 23.26
C ASP A 38 -20.94 54.53 23.66
N SER A 39 -20.94 53.46 24.45
CA SER A 39 -19.72 52.65 24.73
C SER A 39 -19.30 51.95 23.44
N ILE A 40 -17.99 51.73 23.26
CA ILE A 40 -17.44 51.19 21.99
C ILE A 40 -17.68 49.67 21.94
N ALA A 41 -18.26 49.22 20.82
CA ALA A 41 -18.63 47.81 20.54
C ALA A 41 -17.60 47.16 19.61
N VAL A 42 -17.10 47.91 18.63
CA VAL A 42 -16.16 47.44 17.57
C VAL A 42 -15.02 48.45 17.39
N ILE A 43 -13.79 47.97 17.48
CA ILE A 43 -12.54 48.70 17.03
C ILE A 43 -11.98 47.93 15.83
N ASP A 44 -11.71 48.65 14.72
CA ASP A 44 -11.26 48.08 13.42
C ASP A 44 -10.23 49.03 12.81
N GLY A 45 -8.95 48.85 13.17
CA GLY A 45 -7.89 49.81 12.84
C GLY A 45 -8.09 51.10 13.61
N GLU A 46 -8.29 52.21 12.91
CA GLU A 46 -8.43 53.58 13.48
C GLU A 46 -9.89 53.85 13.86
N ARG A 47 -10.82 52.98 13.44
CA ARG A 47 -12.28 53.22 13.45
C ARG A 47 -12.90 52.62 14.73
N GLN A 48 -13.72 53.38 15.44
CA GLN A 48 -14.40 52.92 16.67
C GLN A 48 -15.92 53.16 16.55
N LEU A 49 -16.68 52.07 16.44
CA LEU A 49 -18.17 52.11 16.36
C LEU A 49 -18.75 51.84 17.74
N SER A 50 -19.64 52.72 18.19
CA SER A 50 -20.48 52.56 19.41
C SER A 50 -21.58 51.53 19.13
N TYR A 51 -22.24 51.04 20.18
CA TYR A 51 -23.44 50.17 20.07
C TYR A 51 -24.54 50.96 19.33
N ARG A 52 -24.74 52.24 19.66
CA ARG A 52 -25.75 53.11 19.01
C ARG A 52 -25.48 53.12 17.50
N GLU A 53 -24.25 53.44 17.10
CA GLU A 53 -23.82 53.56 15.68
C GLU A 53 -23.99 52.22 14.95
N LEU A 54 -23.55 51.12 15.58
CA LEU A 54 -23.61 49.75 15.03
C LEU A 54 -25.07 49.39 14.74
N ASN A 55 -25.94 49.50 15.74
CA ASN A 55 -27.40 49.27 15.64
C ASN A 55 -27.97 50.16 14.51
N GLN A 56 -27.57 51.43 14.44
CA GLN A 56 -28.06 52.39 13.41
C GLN A 56 -27.59 51.94 12.04
N ALA A 57 -26.29 51.62 11.91
CA ALA A 57 -25.66 51.08 10.67
C ALA A 57 -26.48 49.88 10.17
N ALA A 58 -26.79 48.94 11.06
CA ALA A 58 -27.53 47.69 10.77
C ALA A 58 -28.92 48.01 10.21
N ASP A 59 -29.64 48.95 10.84
CA ASP A 59 -30.97 49.47 10.40
C ASP A 59 -30.81 50.15 9.04
N ASN A 60 -29.84 51.06 8.94
CA ASN A 60 -29.50 51.81 7.69
C ASN A 60 -29.40 50.82 6.53
N LEU A 61 -28.58 49.77 6.69
CA LEU A 61 -28.33 48.73 5.66
C LEU A 61 -29.60 47.90 5.44
N ALA A 62 -30.16 47.31 6.51
CA ALA A 62 -31.42 46.54 6.50
C ALA A 62 -32.46 47.27 5.66
N CYS A 63 -32.63 48.57 5.92
CA CYS A 63 -33.60 49.46 5.24
C CYS A 63 -33.24 49.61 3.76
N SER A 64 -31.99 49.97 3.48
CA SER A 64 -31.44 50.12 2.10
C SER A 64 -31.75 48.86 1.30
N LEU A 65 -31.46 47.68 1.85
CA LEU A 65 -31.72 46.35 1.21
C LEU A 65 -33.23 46.16 1.01
N ARG A 66 -34.05 46.61 1.96
CA ARG A 66 -35.53 46.47 1.89
C ARG A 66 -36.02 47.27 0.68
N ARG A 67 -35.46 48.46 0.47
CA ARG A 67 -35.76 49.38 -0.66
C ARG A 67 -35.33 48.73 -1.99
N GLN A 68 -34.23 47.96 -2.00
CA GLN A 68 -33.70 47.24 -3.19
C GLN A 68 -34.51 45.95 -3.42
N GLY A 69 -35.42 45.61 -2.49
CA GLY A 69 -36.50 44.62 -2.70
C GLY A 69 -36.20 43.27 -2.07
N ILE A 70 -35.24 43.19 -1.16
CA ILE A 70 -34.92 41.96 -0.37
C ILE A 70 -36.02 41.79 0.67
N LYS A 71 -36.57 40.58 0.78
CA LYS A 71 -37.76 40.29 1.63
C LYS A 71 -37.38 39.29 2.73
N PRO A 72 -38.12 39.28 3.86
CA PRO A 72 -37.97 38.25 4.89
C PRO A 72 -38.15 36.85 4.30
N GLY A 73 -37.43 35.85 4.84
CA GLY A 73 -37.52 34.44 4.43
C GLY A 73 -36.50 34.07 3.37
N GLU A 74 -35.88 35.06 2.71
CA GLU A 74 -34.87 34.84 1.65
C GLU A 74 -33.50 34.57 2.29
N THR A 75 -32.58 34.01 1.51
CA THR A 75 -31.17 33.72 1.91
C THR A 75 -30.23 34.76 1.31
N ALA A 76 -28.99 34.81 1.81
CA ALA A 76 -27.91 35.69 1.33
C ALA A 76 -26.57 34.95 1.42
N LEU A 77 -25.65 35.22 0.48
CA LEU A 77 -24.22 34.84 0.59
C LEU A 77 -23.43 36.08 1.01
N VAL A 78 -22.73 35.98 2.14
CA VAL A 78 -21.89 37.09 2.68
C VAL A 78 -20.45 36.58 2.80
N GLN A 79 -19.51 37.27 2.15
CA GLN A 79 -18.05 37.00 2.26
C GLN A 79 -17.33 38.30 2.63
N LEU A 80 -17.32 38.62 3.93
CA LEU A 80 -16.54 39.73 4.54
C LEU A 80 -15.57 39.13 5.56
N GLY A 81 -14.39 39.74 5.70
CA GLY A 81 -13.31 39.26 6.58
C GLY A 81 -13.48 39.78 7.99
N ASN A 82 -12.35 40.12 8.63
CA ASN A 82 -12.29 40.69 9.99
C ASN A 82 -12.52 42.21 9.89
N VAL A 83 -13.72 42.61 9.46
CA VAL A 83 -14.10 44.03 9.27
C VAL A 83 -15.42 44.30 10.00
N ALA A 84 -15.62 45.54 10.47
CA ALA A 84 -16.85 46.01 11.16
C ALA A 84 -18.10 45.65 10.34
N GLU A 85 -17.98 45.74 9.03
CA GLU A 85 -19.10 45.48 8.08
C GLU A 85 -19.59 44.04 8.21
N LEU A 86 -18.78 43.10 8.72
CA LEU A 86 -19.27 41.72 9.03
C LEU A 86 -20.45 41.83 10.00
N TYR A 87 -20.24 42.53 11.13
CA TYR A 87 -21.23 42.61 12.24
C TYR A 87 -22.43 43.48 11.79
N ILE A 88 -22.17 44.61 11.14
CA ILE A 88 -23.26 45.45 10.56
C ILE A 88 -24.12 44.55 9.67
N THR A 89 -23.51 43.83 8.73
CA THR A 89 -24.23 43.00 7.72
C THR A 89 -24.96 41.86 8.42
N PHE A 90 -24.33 41.20 9.39
CA PHE A 90 -24.97 40.08 10.12
C PHE A 90 -26.25 40.57 10.78
N PHE A 91 -26.20 41.73 11.44
CA PHE A 91 -27.35 42.27 12.22
C PHE A 91 -28.38 42.89 11.28
N ALA A 92 -27.95 43.56 10.21
CA ALA A 92 -28.83 44.08 9.13
C ALA A 92 -29.73 42.95 8.62
N LEU A 93 -29.12 41.83 8.22
CA LEU A 93 -29.84 40.68 7.61
C LEU A 93 -30.74 40.02 8.66
N LEU A 94 -30.31 39.98 9.92
CA LEU A 94 -31.12 39.38 11.03
C LEU A 94 -32.36 40.23 11.26
N LYS A 95 -32.22 41.56 11.21
CA LYS A 95 -33.35 42.52 11.36
C LYS A 95 -34.33 42.41 10.19
N LEU A 96 -33.87 42.01 9.00
CA LEU A 96 -34.73 41.85 7.79
C LEU A 96 -35.43 40.49 7.80
N GLY A 97 -34.89 39.52 8.54
CA GLY A 97 -35.36 38.12 8.55
C GLY A 97 -34.77 37.33 7.39
N VAL A 98 -33.60 37.74 6.89
CA VAL A 98 -32.82 37.08 5.81
C VAL A 98 -31.77 36.18 6.46
N ALA A 99 -31.71 34.91 6.08
CA ALA A 99 -30.74 33.91 6.60
C ALA A 99 -29.51 33.89 5.69
N PRO A 100 -28.34 34.38 6.16
CA PRO A 100 -27.11 34.26 5.37
C PRO A 100 -26.22 33.06 5.75
N VAL A 101 -25.42 32.65 4.78
CA VAL A 101 -24.11 31.96 5.00
C VAL A 101 -23.03 33.04 5.09
N LEU A 102 -22.16 32.93 6.10
CA LEU A 102 -20.92 33.75 6.23
C LEU A 102 -19.73 32.92 5.76
N ALA A 103 -19.38 33.09 4.47
CA ALA A 103 -18.16 32.55 3.84
C ALA A 103 -16.96 33.20 4.52
N LEU A 104 -15.88 32.45 4.76
CA LEU A 104 -14.59 33.02 5.24
C LEU A 104 -13.89 33.68 4.04
N PHE A 105 -13.07 34.71 4.28
CA PHE A 105 -12.36 35.47 3.22
C PHE A 105 -11.57 34.48 2.35
N SER A 106 -10.92 33.48 2.98
CA SER A 106 -10.06 32.46 2.32
C SER A 106 -10.83 31.67 1.26
N HIS A 107 -12.14 31.44 1.44
CA HIS A 107 -13.01 30.65 0.51
C HIS A 107 -12.99 31.27 -0.89
N GLN A 108 -13.03 30.43 -1.92
CA GLN A 108 -12.85 30.82 -3.36
C GLN A 108 -14.03 30.30 -4.20
N ARG A 109 -13.90 30.33 -5.53
CA ARG A 109 -14.93 29.89 -6.53
C ARG A 109 -15.69 28.65 -6.05
N SER A 110 -15.02 27.50 -5.92
CA SER A 110 -15.67 26.19 -5.65
C SER A 110 -16.60 26.35 -4.44
N GLU A 111 -16.11 26.98 -3.36
CA GLU A 111 -16.83 27.13 -2.07
C GLU A 111 -18.04 28.05 -2.25
N LEU A 112 -17.83 29.24 -2.81
CA LEU A 112 -18.92 30.22 -3.02
C LEU A 112 -20.02 29.57 -3.86
N ASN A 113 -19.63 28.95 -4.98
CA ASN A 113 -20.54 28.24 -5.92
C ASN A 113 -21.36 27.20 -5.14
N ALA A 114 -20.69 26.40 -4.30
CA ALA A 114 -21.32 25.34 -3.48
C ALA A 114 -22.37 25.98 -2.56
N TYR A 115 -22.00 27.07 -1.89
CA TYR A 115 -22.87 27.76 -0.90
C TYR A 115 -24.08 28.34 -1.64
N ALA A 116 -23.83 29.13 -2.69
CA ALA A 116 -24.85 29.80 -3.53
C ALA A 116 -25.85 28.78 -4.08
N SER A 117 -25.37 27.60 -4.48
CA SER A 117 -26.17 26.51 -5.09
C SER A 117 -27.19 25.97 -4.10
N GLN A 118 -26.80 25.75 -2.85
CA GLN A 118 -27.67 25.14 -1.81
C GLN A 118 -28.71 26.15 -1.29
N ILE A 119 -28.34 27.42 -1.11
CA ILE A 119 -29.21 28.44 -0.46
C ILE A 119 -30.01 29.26 -1.50
N GLU A 120 -29.53 29.37 -2.74
CA GLU A 120 -30.18 30.11 -3.85
C GLU A 120 -30.42 31.56 -3.40
N PRO A 121 -29.34 32.31 -3.09
CA PRO A 121 -29.47 33.57 -2.37
C PRO A 121 -30.12 34.68 -3.20
N ALA A 122 -30.85 35.60 -2.56
CA ALA A 122 -31.36 36.85 -3.18
C ALA A 122 -30.27 37.92 -3.16
N LEU A 123 -29.32 37.81 -2.23
CA LEU A 123 -28.33 38.88 -1.93
C LEU A 123 -26.93 38.28 -1.91
N LEU A 124 -25.96 38.97 -2.54
CA LEU A 124 -24.50 38.69 -2.42
C LEU A 124 -23.81 39.93 -1.86
N ILE A 125 -23.09 39.75 -0.74
CA ILE A 125 -22.23 40.79 -0.13
C ILE A 125 -20.79 40.23 -0.05
N ALA A 126 -19.86 40.86 -0.77
CA ALA A 126 -18.42 40.47 -0.86
C ALA A 126 -17.55 41.73 -0.84
N ASP A 127 -16.25 41.56 -1.03
CA ASP A 127 -15.22 42.61 -0.78
C ASP A 127 -14.36 42.76 -2.04
N ARG A 128 -14.25 43.97 -2.60
CA ARG A 128 -13.45 44.26 -3.82
C ARG A 128 -11.95 44.03 -3.53
N GLN A 129 -11.57 43.91 -2.25
CA GLN A 129 -10.20 43.52 -1.83
C GLN A 129 -9.97 42.01 -2.03
N HIS A 130 -11.05 41.24 -2.24
CA HIS A 130 -10.94 39.79 -2.57
C HIS A 130 -10.45 39.67 -4.01
N ALA A 131 -9.58 38.68 -4.26
CA ALA A 131 -9.02 38.38 -5.60
C ALA A 131 -10.16 38.26 -6.62
N LEU A 132 -11.27 37.61 -6.21
CA LEU A 132 -12.43 37.26 -7.07
C LEU A 132 -13.30 38.48 -7.37
N PHE A 133 -13.17 39.58 -6.64
CA PHE A 133 -14.16 40.70 -6.69
C PHE A 133 -13.49 42.04 -6.99
N SER A 134 -12.20 42.07 -7.35
CA SER A 134 -11.50 43.30 -7.83
C SER A 134 -11.98 43.66 -9.24
N GLY A 135 -12.21 42.66 -10.10
CA GLY A 135 -12.86 42.82 -11.41
C GLY A 135 -14.36 42.58 -11.32
N ASP A 136 -15.05 42.59 -12.47
CA ASP A 136 -16.49 42.25 -12.59
C ASP A 136 -16.65 40.99 -13.42
N ASP A 137 -15.54 40.32 -13.77
CA ASP A 137 -15.56 39.10 -14.61
C ASP A 137 -16.30 38.00 -13.85
N PHE A 138 -15.79 37.61 -12.68
CA PHE A 138 -16.34 36.51 -11.86
C PHE A 138 -17.80 36.82 -11.50
N LEU A 139 -18.05 38.04 -11.00
CA LEU A 139 -19.41 38.53 -10.68
C LEU A 139 -20.34 38.20 -11.85
N ASN A 140 -20.04 38.73 -13.03
CA ASN A 140 -20.82 38.47 -14.27
C ASN A 140 -21.14 36.98 -14.34
N THR A 141 -20.16 36.10 -14.13
CA THR A 141 -20.33 34.63 -14.24
C THR A 141 -21.15 34.12 -13.06
N PHE A 142 -20.79 34.53 -11.83
CA PHE A 142 -21.46 34.10 -10.58
C PHE A 142 -22.94 34.42 -10.67
N VAL A 143 -23.26 35.70 -10.90
CA VAL A 143 -24.65 36.25 -10.94
C VAL A 143 -25.43 35.61 -12.11
N THR A 144 -24.75 35.11 -13.15
CA THR A 144 -25.37 34.30 -14.24
C THR A 144 -25.76 32.91 -13.70
N GLU A 145 -24.80 32.13 -13.17
CA GLU A 145 -25.04 30.75 -12.70
C GLU A 145 -26.07 30.76 -11.57
N HIS A 146 -25.92 31.69 -10.62
CA HIS A 146 -26.78 31.86 -9.43
C HIS A 146 -27.75 33.03 -9.70
N SER A 147 -28.69 32.82 -10.63
CA SER A 147 -29.69 33.81 -11.12
C SER A 147 -30.68 34.19 -10.01
N SER A 148 -30.73 33.44 -8.90
CA SER A 148 -31.45 33.81 -7.66
C SER A 148 -31.00 35.19 -7.18
N ILE A 149 -29.72 35.53 -7.36
CA ILE A 149 -29.10 36.80 -6.89
C ILE A 149 -29.73 37.97 -7.64
N ARG A 150 -30.33 38.93 -6.91
CA ARG A 150 -31.00 40.14 -7.46
C ARG A 150 -30.24 41.41 -7.07
N VAL A 151 -29.69 41.44 -5.85
CA VAL A 151 -28.92 42.59 -5.28
C VAL A 151 -27.49 42.11 -4.99
N VAL A 152 -26.50 42.94 -5.34
CA VAL A 152 -25.05 42.75 -5.06
C VAL A 152 -24.53 44.01 -4.36
N GLN A 153 -24.11 43.89 -3.10
CA GLN A 153 -23.43 44.97 -2.32
C GLN A 153 -21.97 44.58 -2.13
N LEU A 154 -21.05 45.53 -2.34
CA LEU A 154 -19.59 45.28 -2.40
C LEU A 154 -18.85 46.30 -1.53
N LEU A 155 -18.07 45.81 -0.56
CA LEU A 155 -17.15 46.62 0.27
C LEU A 155 -16.00 47.12 -0.61
N ASN A 156 -15.52 48.34 -0.35
CA ASN A 156 -14.37 48.97 -1.04
C ASN A 156 -14.67 49.09 -2.53
N ASP A 157 -15.94 49.34 -2.86
CA ASP A 157 -16.40 49.78 -4.21
C ASP A 157 -16.80 51.25 -4.06
N SER A 158 -16.52 52.08 -5.07
CA SER A 158 -16.99 53.49 -5.17
C SER A 158 -17.97 53.63 -6.34
N GLY A 159 -18.34 52.52 -6.98
CA GLY A 159 -19.32 52.46 -8.09
C GLY A 159 -20.73 52.28 -7.56
N GLU A 160 -21.64 51.79 -8.40
CA GLU A 160 -23.10 51.68 -8.14
C GLU A 160 -23.35 50.84 -6.87
N HIS A 161 -22.56 49.78 -6.64
CA HIS A 161 -22.82 48.70 -5.66
C HIS A 161 -22.01 48.86 -4.36
N ASN A 162 -21.80 50.10 -3.90
CA ASN A 162 -20.95 50.43 -2.72
C ASN A 162 -21.72 50.12 -1.43
N LEU A 163 -21.24 49.16 -0.63
CA LEU A 163 -21.89 48.74 0.65
C LEU A 163 -21.92 49.93 1.63
N GLN A 164 -20.93 50.83 1.56
CA GLN A 164 -20.81 52.02 2.45
C GLN A 164 -22.03 52.93 2.27
N ASP A 165 -22.38 53.25 1.02
CA ASP A 165 -23.45 54.23 0.70
C ASP A 165 -24.77 53.73 1.32
N ALA A 166 -24.92 52.41 1.44
CA ALA A 166 -26.12 51.75 2.03
C ALA A 166 -26.14 51.93 3.55
N ILE A 167 -25.00 51.68 4.19
CA ILE A 167 -24.84 51.76 5.68
C ILE A 167 -24.97 53.23 6.11
N ASN A 168 -24.53 54.17 5.27
CA ASN A 168 -24.49 55.62 5.58
C ASN A 168 -25.85 56.27 5.26
N HIS A 169 -26.79 55.53 4.68
CA HIS A 169 -28.12 56.07 4.27
C HIS A 169 -29.14 55.87 5.40
N PRO A 170 -29.56 56.96 6.08
CA PRO A 170 -30.33 56.84 7.32
C PRO A 170 -31.73 56.29 7.06
N ALA A 171 -32.09 55.21 7.78
CA ALA A 171 -33.40 54.52 7.69
C ALA A 171 -34.51 55.48 8.13
N GLU A 172 -35.48 55.76 7.25
CA GLU A 172 -36.53 56.80 7.47
C GLU A 172 -37.48 56.31 8.58
N ASP A 173 -38.46 55.46 8.26
CA ASP A 173 -39.25 54.66 9.24
C ASP A 173 -38.99 53.19 8.95
N PHE A 174 -37.96 52.62 9.60
CA PHE A 174 -37.62 51.18 9.55
C PHE A 174 -38.13 50.50 10.82
N THR A 175 -38.96 49.46 10.64
CA THR A 175 -39.33 48.50 11.71
C THR A 175 -38.79 47.14 11.27
N ALA A 176 -38.09 46.45 12.18
CA ALA A 176 -37.41 45.15 11.90
C ALA A 176 -38.46 44.06 11.77
N THR A 177 -38.20 43.05 10.95
CA THR A 177 -39.03 41.83 10.77
C THR A 177 -38.12 40.62 10.88
N PRO A 178 -37.46 40.38 12.04
CA PRO A 178 -36.66 39.17 12.23
C PRO A 178 -37.54 37.92 12.08
N SER A 179 -36.99 36.83 11.53
CA SER A 179 -37.71 35.52 11.44
C SER A 179 -38.19 35.13 12.83
N PRO A 180 -39.25 34.32 12.99
CA PRO A 180 -39.59 33.78 14.31
C PRO A 180 -38.38 33.09 14.97
N ALA A 181 -38.36 33.08 16.31
CA ALA A 181 -37.24 32.58 17.16
C ALA A 181 -37.07 31.06 17.04
N ASP A 182 -38.12 30.32 16.66
CA ASP A 182 -38.04 28.85 16.49
C ASP A 182 -37.79 28.51 15.00
N GLU A 183 -37.68 29.53 14.15
CA GLU A 183 -37.31 29.41 12.70
C GLU A 183 -35.82 29.70 12.51
N VAL A 184 -35.32 29.48 11.29
CA VAL A 184 -33.88 29.66 10.92
C VAL A 184 -33.53 31.16 10.99
N ALA A 185 -32.39 31.46 11.63
CA ALA A 185 -31.77 32.79 11.72
C ALA A 185 -30.63 32.89 10.70
N TYR A 186 -29.71 31.92 10.69
CA TYR A 186 -28.58 31.87 9.72
C TYR A 186 -28.00 30.46 9.60
N PHE A 187 -27.07 30.31 8.66
CA PHE A 187 -26.40 29.05 8.27
C PHE A 187 -24.93 29.07 8.72
N GLN A 188 -24.56 28.13 9.58
CA GLN A 188 -23.15 27.81 9.90
C GLN A 188 -22.62 26.86 8.81
N LEU A 189 -21.30 26.77 8.69
CA LEU A 189 -20.59 25.84 7.77
C LEU A 189 -20.01 24.67 8.58
N SER A 190 -20.24 23.44 8.13
CA SER A 190 -19.55 22.21 8.63
C SER A 190 -18.07 22.32 8.29
N GLY A 191 -17.21 21.66 9.09
CA GLY A 191 -15.79 21.45 8.75
C GLY A 191 -15.69 20.70 7.45
N GLY A 192 -16.53 19.68 7.30
CA GLY A 192 -16.66 18.89 6.05
C GLY A 192 -16.17 17.47 6.24
N THR A 193 -17.05 16.49 5.99
CA THR A 193 -16.75 15.04 5.94
C THR A 193 -17.05 14.50 4.53
N THR A 194 -17.72 15.29 3.68
CA THR A 194 -18.28 14.84 2.38
C THR A 194 -17.70 15.66 1.24
N GLY A 195 -18.09 15.33 0.00
CA GLY A 195 -17.54 15.89 -1.24
C GLY A 195 -18.05 17.30 -1.52
N THR A 196 -19.22 17.66 -0.98
CA THR A 196 -19.78 19.03 -1.07
C THR A 196 -20.02 19.57 0.32
N PRO A 197 -19.88 20.89 0.54
CA PRO A 197 -20.12 21.50 1.85
C PRO A 197 -21.57 21.31 2.33
N LYS A 198 -21.73 20.99 3.62
CA LYS A 198 -23.05 20.84 4.29
C LYS A 198 -23.27 22.07 5.17
N LEU A 199 -24.43 22.74 5.02
CA LEU A 199 -24.82 23.95 5.80
C LEU A 199 -25.60 23.50 7.05
N ILE A 200 -25.46 24.25 8.14
CA ILE A 200 -26.08 23.92 9.47
C ILE A 200 -27.08 25.02 9.81
N PRO A 201 -28.40 24.73 9.73
CA PRO A 201 -29.42 25.71 10.12
C PRO A 201 -29.34 26.01 11.62
N ARG A 202 -29.16 27.28 11.97
CA ARG A 202 -29.20 27.79 13.37
C ARG A 202 -30.44 28.66 13.53
N THR A 203 -31.35 28.25 14.42
CA THR A 203 -32.53 29.03 14.88
C THR A 203 -32.04 30.04 15.94
N HIS A 204 -32.73 31.17 16.08
CA HIS A 204 -32.50 32.20 17.14
C HIS A 204 -32.44 31.53 18.52
N ASN A 205 -33.44 30.71 18.85
CA ASN A 205 -33.53 29.98 20.14
C ASN A 205 -32.22 29.24 20.39
N ASP A 206 -31.78 28.42 19.42
CA ASP A 206 -30.62 27.51 19.61
C ASP A 206 -29.34 28.36 19.66
N TYR A 207 -29.15 29.29 18.72
CA TYR A 207 -27.87 30.03 18.57
C TYR A 207 -27.67 31.01 19.73
N TYR A 208 -28.73 31.70 20.15
CA TYR A 208 -28.73 32.71 21.23
C TYR A 208 -28.32 32.02 22.54
N TYR A 209 -28.95 30.90 22.86
CA TYR A 209 -28.69 30.16 24.12
C TYR A 209 -27.19 29.84 24.18
N SER A 210 -26.63 29.33 23.09
CA SER A 210 -25.19 28.95 23.02
C SER A 210 -24.34 30.21 23.32
N VAL A 211 -24.70 31.35 22.74
CA VAL A 211 -24.04 32.67 23.01
C VAL A 211 -24.24 33.05 24.49
N ARG A 212 -25.49 33.07 24.97
CA ARG A 212 -25.89 33.51 26.34
C ARG A 212 -25.18 32.65 27.40
N ARG A 213 -25.16 31.33 27.19
CA ARG A 213 -24.59 30.34 28.15
C ARG A 213 -23.07 30.44 28.13
N SER A 214 -22.48 30.66 26.96
CA SER A 214 -21.01 30.89 26.80
C SER A 214 -20.60 32.12 27.62
N VAL A 215 -21.40 33.20 27.61
CA VAL A 215 -21.12 34.46 28.36
C VAL A 215 -21.04 34.16 29.85
N GLU A 216 -22.02 33.45 30.42
CA GLU A 216 -22.04 33.04 31.85
C GLU A 216 -20.70 32.39 32.20
N ILE A 217 -20.29 31.36 31.43
CA ILE A 217 -19.09 30.52 31.73
C ILE A 217 -17.81 31.37 31.65
N CYS A 218 -17.64 32.16 30.58
CA CYS A 218 -16.43 33.00 30.36
C CYS A 218 -16.58 34.36 31.07
N GLN A 219 -17.68 34.57 31.80
CA GLN A 219 -17.91 35.76 32.65
C GLN A 219 -17.62 37.05 31.88
N PHE A 220 -18.00 37.12 30.60
CA PHE A 220 -17.93 38.35 29.80
C PHE A 220 -18.88 39.39 30.42
N THR A 221 -18.47 40.67 30.38
CA THR A 221 -19.19 41.84 30.92
C THR A 221 -18.88 43.03 30.00
N GLN A 222 -19.27 44.25 30.41
CA GLN A 222 -18.92 45.51 29.70
C GLN A 222 -17.40 45.72 29.74
N GLN A 223 -16.69 45.07 30.67
CA GLN A 223 -15.22 45.14 30.84
C GLN A 223 -14.51 44.27 29.80
N THR A 224 -15.18 43.24 29.26
CA THR A 224 -14.59 42.32 28.26
C THR A 224 -14.07 43.15 27.07
N ARG A 225 -12.77 43.06 26.79
CA ARG A 225 -12.15 43.57 25.55
C ARG A 225 -11.56 42.35 24.81
N TYR A 226 -12.27 41.92 23.75
CA TYR A 226 -12.07 40.64 23.02
C TYR A 226 -11.32 40.93 21.72
N LEU A 227 -10.11 40.39 21.59
CA LEU A 227 -9.38 40.39 20.29
C LEU A 227 -9.96 39.27 19.44
N CYS A 228 -10.64 39.62 18.36
CA CYS A 228 -11.13 38.67 17.33
C CYS A 228 -10.13 38.68 16.16
N ALA A 229 -9.23 37.69 16.16
CA ALA A 229 -8.05 37.63 15.27
C ALA A 229 -8.17 36.43 14.32
N ILE A 230 -8.81 35.35 14.74
CA ILE A 230 -9.13 34.22 13.82
C ILE A 230 -10.23 34.70 12.87
N PRO A 231 -10.50 34.00 11.75
CA PRO A 231 -11.57 34.38 10.83
C PRO A 231 -12.89 34.63 11.60
N ALA A 232 -13.36 35.88 11.56
CA ALA A 232 -14.43 36.43 12.42
C ALA A 232 -15.77 35.72 12.18
N ALA A 233 -15.96 35.15 10.99
CA ALA A 233 -17.23 34.51 10.57
C ALA A 233 -17.35 33.08 11.09
N HIS A 234 -16.26 32.49 11.61
CA HIS A 234 -16.27 31.09 12.16
C HIS A 234 -17.02 31.07 13.50
N GLY A 235 -17.68 29.96 13.82
CA GLY A 235 -18.57 29.81 14.99
C GLY A 235 -17.86 30.03 16.33
N TYR A 236 -16.55 29.79 16.37
CA TYR A 236 -15.67 29.90 17.57
C TYR A 236 -15.43 31.39 17.86
N ALA A 237 -15.25 32.18 16.79
CA ALA A 237 -15.02 33.64 16.84
C ALA A 237 -16.35 34.38 16.96
N MET A 238 -17.45 33.67 16.74
CA MET A 238 -18.80 34.24 16.54
C MET A 238 -19.64 34.06 17.81
N SER A 239 -19.60 32.87 18.43
CA SER A 239 -20.63 32.45 19.41
C SER A 239 -20.09 31.70 20.64
N SER A 240 -18.76 31.60 20.84
CA SER A 240 -18.18 30.67 21.84
C SER A 240 -17.14 31.29 22.75
N PRO A 241 -17.42 32.40 23.48
CA PRO A 241 -18.62 33.22 23.30
C PRO A 241 -18.56 34.12 22.06
N GLY A 242 -17.34 34.44 21.59
CA GLY A 242 -17.08 35.12 20.31
C GLY A 242 -17.58 36.56 20.30
N SER A 243 -17.77 37.14 19.11
CA SER A 243 -18.16 38.56 18.90
C SER A 243 -19.55 38.85 19.48
N LEU A 244 -20.50 37.93 19.25
CA LEU A 244 -21.90 38.09 19.72
C LEU A 244 -21.90 38.07 21.27
N GLY A 245 -21.27 37.06 21.87
CA GLY A 245 -21.09 36.97 23.33
C GLY A 245 -20.60 38.28 23.93
N VAL A 246 -19.71 38.97 23.22
CA VAL A 246 -19.11 40.28 23.65
C VAL A 246 -20.18 41.36 23.55
N PHE A 247 -20.83 41.48 22.39
CA PHE A 247 -21.95 42.42 22.15
C PHE A 247 -23.03 42.19 23.20
N LEU A 248 -23.44 40.94 23.41
CA LEU A 248 -24.48 40.62 24.41
C LEU A 248 -24.10 41.33 25.71
N ALA A 249 -22.87 41.10 26.15
CA ALA A 249 -22.31 41.52 27.46
C ALA A 249 -22.12 43.04 27.50
N GLY A 250 -21.98 43.66 26.33
CA GLY A 250 -21.74 45.12 26.18
C GLY A 250 -20.25 45.45 26.19
N GLY A 251 -19.38 44.45 25.96
CA GLY A 251 -17.93 44.62 25.87
C GLY A 251 -17.50 45.28 24.55
N THR A 252 -16.22 45.09 24.17
CA THR A 252 -15.65 45.63 22.91
C THR A 252 -14.97 44.50 22.14
N VAL A 253 -15.20 44.45 20.84
CA VAL A 253 -14.50 43.52 19.90
C VAL A 253 -13.40 44.32 19.20
N VAL A 254 -12.15 43.85 19.31
CA VAL A 254 -10.98 44.37 18.56
C VAL A 254 -10.73 43.39 17.40
N LEU A 255 -10.85 43.85 16.16
CA LEU A 255 -10.60 43.04 14.94
C LEU A 255 -9.12 43.19 14.54
N ALA A 256 -8.50 42.05 14.22
CA ALA A 256 -7.16 41.92 13.60
C ALA A 256 -7.32 41.02 12.36
N ALA A 257 -6.59 41.33 11.27
CA ALA A 257 -6.75 40.68 9.95
C ALA A 257 -6.38 39.19 10.05
N ASP A 258 -5.45 38.85 10.96
CA ASP A 258 -5.01 37.45 11.22
C ASP A 258 -4.49 37.39 12.65
N PRO A 259 -4.06 36.19 13.12
CA PRO A 259 -3.57 36.05 14.49
C PRO A 259 -2.04 36.04 14.62
N SER A 260 -1.33 36.77 13.77
CA SER A 260 0.15 36.97 13.86
C SER A 260 0.49 37.83 15.09
N ALA A 261 1.52 37.44 15.84
CA ALA A 261 2.08 38.22 16.97
C ALA A 261 2.41 39.63 16.48
N THR A 262 2.84 39.77 15.21
CA THR A 262 3.22 41.05 14.56
C THR A 262 2.07 42.06 14.68
N LEU A 263 0.84 41.60 14.55
CA LEU A 263 -0.38 42.46 14.42
C LEU A 263 -1.08 42.58 15.78
N CYS A 264 -1.18 41.47 16.52
CA CYS A 264 -2.03 41.30 17.73
C CYS A 264 -1.35 41.83 19.00
N PHE A 265 -0.06 41.56 19.20
CA PHE A 265 0.73 42.01 20.39
C PHE A 265 0.58 43.52 20.54
N PRO A 266 0.80 44.33 19.48
CA PRO A 266 0.46 45.76 19.53
C PRO A 266 -1.01 46.06 19.90
N LEU A 267 -1.97 45.37 19.27
CA LEU A 267 -3.42 45.60 19.49
C LEU A 267 -3.83 45.21 20.92
N ILE A 268 -3.21 44.17 21.49
CA ILE A 268 -3.55 43.70 22.86
C ILE A 268 -3.13 44.78 23.87
N GLU A 269 -1.93 45.35 23.73
CA GLU A 269 -1.37 46.37 24.65
C GLU A 269 -2.08 47.71 24.44
N LYS A 270 -2.21 48.14 23.18
CA LYS A 270 -2.81 49.44 22.76
C LYS A 270 -4.21 49.59 23.35
N HIS A 271 -5.05 48.55 23.21
CA HIS A 271 -6.50 48.54 23.56
C HIS A 271 -6.74 47.77 24.87
N GLN A 272 -5.68 47.27 25.51
CA GLN A 272 -5.75 46.57 26.83
C GLN A 272 -6.74 45.39 26.74
N VAL A 273 -6.56 44.51 25.76
CA VAL A 273 -7.36 43.27 25.55
C VAL A 273 -7.16 42.36 26.76
N ASN A 274 -8.23 41.71 27.23
CA ASN A 274 -8.19 40.79 28.41
C ASN A 274 -8.71 39.40 28.02
N VAL A 275 -9.19 39.21 26.79
CA VAL A 275 -9.49 37.84 26.29
C VAL A 275 -9.39 37.83 24.76
N THR A 276 -8.88 36.71 24.23
CA THR A 276 -8.83 36.38 22.79
C THR A 276 -8.96 34.87 22.61
N ALA A 277 -9.27 34.44 21.39
CA ALA A 277 -9.40 33.02 20.98
C ALA A 277 -8.33 32.74 19.92
N LEU A 278 -7.62 31.62 20.09
CA LEU A 278 -6.56 31.18 19.15
C LEU A 278 -6.73 29.69 18.91
N VAL A 279 -5.95 29.17 17.96
CA VAL A 279 -5.83 27.72 17.64
C VAL A 279 -4.41 27.33 18.03
N PRO A 280 -4.10 26.04 18.24
CA PRO A 280 -2.79 25.63 18.76
C PRO A 280 -1.58 26.25 18.05
N PRO A 281 -1.49 26.22 16.68
CA PRO A 281 -0.32 26.75 15.98
C PRO A 281 -0.08 28.24 16.24
N ALA A 282 -1.14 29.05 16.36
CA ALA A 282 -1.07 30.49 16.69
C ALA A 282 -0.47 30.66 18.10
N VAL A 283 -0.95 29.88 19.06
CA VAL A 283 -0.39 29.85 20.45
C VAL A 283 1.11 29.56 20.39
N SER A 284 1.51 28.56 19.61
CA SER A 284 2.93 28.18 19.38
C SER A 284 3.72 29.39 18.87
N LEU A 285 3.27 30.02 17.78
CA LEU A 285 3.96 31.16 17.13
C LEU A 285 4.06 32.33 18.12
N TRP A 286 3.02 32.53 18.95
CA TRP A 286 3.01 33.60 19.99
C TRP A 286 4.14 33.34 21.00
N LEU A 287 4.22 32.12 21.53
CA LEU A 287 5.24 31.74 22.56
C LEU A 287 6.63 31.87 21.93
N GLN A 288 6.76 31.53 20.65
CA GLN A 288 8.05 31.57 19.90
C GLN A 288 8.47 33.04 19.73
N ALA A 289 7.51 33.90 19.42
CA ALA A 289 7.71 35.36 19.24
C ALA A 289 8.22 35.97 20.54
N LEU A 290 7.70 35.52 21.69
CA LEU A 290 8.13 35.96 23.05
C LEU A 290 9.59 35.56 23.26
N ILE A 291 9.92 34.27 23.05
CA ILE A 291 11.31 33.73 23.04
C ILE A 291 12.20 34.61 22.13
N GLU A 292 11.76 34.83 20.89
CA GLU A 292 12.55 35.58 19.88
C GLU A 292 12.61 37.08 20.26
N GLY A 293 12.05 37.46 21.42
CA GLY A 293 12.37 38.69 22.15
C GLY A 293 11.29 39.76 22.12
N GLU A 294 10.04 39.41 21.77
CA GLU A 294 8.87 40.31 21.96
C GLU A 294 8.68 40.53 23.46
N SER A 295 8.36 41.75 23.88
CA SER A 295 8.09 42.13 25.29
C SER A 295 6.83 41.42 25.80
N ARG A 296 6.96 40.61 26.85
CA ARG A 296 5.86 39.88 27.52
C ARG A 296 4.83 40.88 28.10
N ALA A 297 5.26 42.08 28.47
CA ALA A 297 4.44 43.17 29.07
C ALA A 297 3.38 43.68 28.07
N GLN A 298 3.55 43.44 26.78
CA GLN A 298 2.54 43.77 25.73
C GLN A 298 1.25 42.96 25.97
N LEU A 299 1.33 41.84 26.69
CA LEU A 299 0.20 40.90 26.93
C LEU A 299 -0.19 40.90 28.42
N ALA A 300 0.23 41.91 29.19
CA ALA A 300 -0.08 42.02 30.64
C ALA A 300 -1.59 42.02 30.85
N SER A 301 -2.33 42.77 30.03
CA SER A 301 -3.80 42.98 30.12
C SER A 301 -4.57 41.67 29.92
N LEU A 302 -3.97 40.70 29.23
CA LEU A 302 -4.59 39.37 28.92
C LEU A 302 -4.87 38.64 30.24
N LYS A 303 -6.13 38.25 30.46
CA LYS A 303 -6.57 37.50 31.66
C LYS A 303 -7.18 36.14 31.26
N LEU A 304 -7.73 36.00 30.04
CA LEU A 304 -8.18 34.68 29.49
C LEU A 304 -7.73 34.54 28.03
N LEU A 305 -7.12 33.40 27.71
CA LEU A 305 -6.79 32.97 26.32
C LEU A 305 -7.50 31.67 26.03
N GLN A 306 -8.53 31.69 25.18
CA GLN A 306 -9.25 30.47 24.72
C GLN A 306 -8.37 29.77 23.68
N VAL A 307 -8.33 28.43 23.71
CA VAL A 307 -7.64 27.58 22.68
C VAL A 307 -8.58 26.44 22.28
N GLY A 308 -8.89 26.35 20.99
CA GLY A 308 -9.81 25.36 20.40
C GLY A 308 -9.60 25.21 18.91
N GLY A 309 -10.48 24.46 18.25
CA GLY A 309 -10.40 24.15 16.81
C GLY A 309 -9.66 22.85 16.57
N ALA A 310 -8.74 22.50 17.47
CA ALA A 310 -7.87 21.30 17.40
C ALA A 310 -7.29 21.04 18.80
N ARG A 311 -6.75 19.85 19.04
CA ARG A 311 -6.28 19.42 20.38
C ARG A 311 -5.04 20.24 20.76
N LEU A 312 -5.02 20.70 22.01
CA LEU A 312 -3.88 21.42 22.63
C LEU A 312 -3.06 20.43 23.44
N SER A 313 -1.82 20.15 23.03
CA SER A 313 -0.83 19.35 23.80
C SER A 313 -0.72 19.95 25.19
N ALA A 314 -0.64 19.11 26.22
CA ALA A 314 -0.46 19.50 27.63
C ALA A 314 0.83 20.34 27.76
N THR A 315 1.88 19.95 27.02
CA THR A 315 3.17 20.69 26.95
C THR A 315 2.91 22.15 26.59
N LEU A 316 2.15 22.38 25.51
CA LEU A 316 1.76 23.74 25.03
C LEU A 316 0.85 24.41 26.06
N ALA A 317 -0.16 23.67 26.55
CA ALA A 317 -1.17 24.16 27.53
C ALA A 317 -0.47 24.73 28.77
N ALA A 318 0.42 23.95 29.37
CA ALA A 318 1.13 24.26 30.64
C ALA A 318 1.94 25.56 30.51
N ARG A 319 2.43 25.86 29.30
CA ARG A 319 3.38 26.98 29.03
C ARG A 319 2.65 28.32 28.97
N ILE A 320 1.33 28.31 28.79
CA ILE A 320 0.51 29.54 28.62
C ILE A 320 0.54 30.35 29.93
N PRO A 321 0.14 29.80 31.10
CA PRO A 321 0.27 30.52 32.36
C PRO A 321 1.69 31.03 32.61
N ALA A 322 2.71 30.16 32.51
CA ALA A 322 4.15 30.48 32.75
C ALA A 322 4.62 31.62 31.82
N GLU A 323 4.59 31.39 30.50
CA GLU A 323 5.30 32.22 29.49
C GLU A 323 4.45 33.42 29.05
N ILE A 324 3.12 33.40 29.26
CA ILE A 324 2.20 34.51 28.85
C ILE A 324 1.55 35.17 30.08
N GLY A 325 1.17 34.41 31.11
CA GLY A 325 0.68 34.96 32.39
C GLY A 325 -0.79 35.33 32.32
N CYS A 326 -1.60 34.42 31.78
CA CYS A 326 -3.08 34.46 31.80
C CYS A 326 -3.62 33.04 32.00
N GLN A 327 -4.89 32.94 32.38
CA GLN A 327 -5.64 31.66 32.51
C GLN A 327 -5.94 31.14 31.10
N LEU A 328 -5.82 29.81 30.91
CA LEU A 328 -6.17 29.08 29.67
C LEU A 328 -7.62 28.57 29.78
N GLN A 329 -8.38 28.64 28.70
CA GLN A 329 -9.65 27.88 28.51
C GLN A 329 -9.48 27.01 27.26
N GLN A 330 -9.61 25.69 27.40
CA GLN A 330 -9.69 24.78 26.24
C GLN A 330 -11.15 24.75 25.78
N VAL A 331 -11.37 24.99 24.48
CA VAL A 331 -12.72 25.00 23.85
C VAL A 331 -12.75 23.87 22.82
N PHE A 332 -13.51 22.81 23.10
CA PHE A 332 -13.81 21.73 22.13
C PHE A 332 -15.27 21.87 21.70
N GLY A 333 -15.48 22.41 20.50
CA GLY A 333 -16.79 22.72 19.92
C GLY A 333 -16.82 22.42 18.44
N MET A 334 -18.00 22.53 17.84
CA MET A 334 -18.30 22.20 16.43
C MET A 334 -19.46 23.09 15.98
N ALA A 335 -19.48 23.50 14.71
CA ALA A 335 -20.49 24.39 14.10
C ALA A 335 -21.87 23.74 14.18
N GLU A 336 -21.93 22.40 14.26
CA GLU A 336 -23.16 21.59 14.42
C GLU A 336 -23.84 21.91 15.75
N GLY A 337 -23.10 22.30 16.78
CA GLY A 337 -23.65 22.72 18.08
C GLY A 337 -22.67 22.51 19.23
N LEU A 338 -22.89 21.46 20.02
CA LEU A 338 -22.12 21.06 21.24
C LEU A 338 -20.77 21.76 21.32
N VAL A 339 -20.54 22.47 22.43
CA VAL A 339 -19.25 23.12 22.77
C VAL A 339 -18.94 22.78 24.23
N ASN A 340 -17.78 22.16 24.42
CA ASN A 340 -17.22 21.80 25.75
C ASN A 340 -16.21 22.90 26.12
N TYR A 341 -16.27 23.37 27.35
CA TYR A 341 -15.34 24.38 27.92
C TYR A 341 -14.66 23.80 29.15
N THR A 342 -13.42 24.23 29.44
CA THR A 342 -12.87 24.22 30.81
C THR A 342 -13.46 25.45 31.50
N ARG A 343 -13.81 25.33 32.78
CA ARG A 343 -14.39 26.43 33.59
C ARG A 343 -13.23 27.27 34.12
N LEU A 344 -13.51 28.52 34.50
CA LEU A 344 -12.50 29.48 35.01
C LEU A 344 -12.02 29.05 36.40
N ASP A 345 -12.81 28.25 37.12
CA ASP A 345 -12.50 27.77 38.49
C ASP A 345 -12.00 26.32 38.47
N ASP A 346 -11.83 25.73 37.28
CA ASP A 346 -11.32 24.33 37.11
C ASP A 346 -9.90 24.23 37.69
N SER A 347 -9.52 23.02 38.14
CA SER A 347 -8.15 22.63 38.58
C SER A 347 -7.22 22.63 37.37
N ALA A 348 -6.01 23.14 37.51
CA ALA A 348 -4.94 23.11 36.48
C ALA A 348 -4.92 21.74 35.79
N GLU A 349 -5.18 20.66 36.53
CA GLU A 349 -5.14 19.28 36.00
C GLU A 349 -6.13 19.15 34.83
N LYS A 350 -7.34 19.70 34.97
CA LYS A 350 -8.43 19.61 33.96
C LYS A 350 -8.22 20.61 32.81
N ILE A 351 -7.64 21.79 33.09
CA ILE A 351 -7.42 22.87 32.08
C ILE A 351 -6.29 22.45 31.11
N ILE A 352 -5.37 21.60 31.56
CA ILE A 352 -4.11 21.28 30.84
C ILE A 352 -4.30 19.98 30.04
N HIS A 353 -5.05 19.01 30.58
CA HIS A 353 -5.08 17.61 30.08
C HIS A 353 -6.44 17.20 29.49
N THR A 354 -7.49 18.01 29.61
CA THR A 354 -8.84 17.72 29.06
C THR A 354 -9.35 18.92 28.27
N GLN A 355 -10.45 18.72 27.53
CA GLN A 355 -11.15 19.77 26.75
C GLN A 355 -12.49 20.10 27.43
N GLY A 356 -12.57 19.90 28.74
CA GLY A 356 -13.73 20.30 29.55
C GLY A 356 -14.91 19.36 29.38
N TYR A 357 -16.12 19.87 29.63
CA TYR A 357 -17.42 19.15 29.53
C TYR A 357 -18.45 20.12 28.95
N PRO A 358 -19.60 19.63 28.45
CA PRO A 358 -20.56 20.46 27.74
C PRO A 358 -21.07 21.68 28.52
N MET A 359 -21.37 22.78 27.82
CA MET A 359 -21.78 24.09 28.42
C MET A 359 -23.19 23.98 29.02
N CYS A 360 -24.00 23.04 28.53
CA CYS A 360 -25.42 22.88 28.94
C CYS A 360 -25.56 21.63 29.81
N PRO A 361 -26.26 21.69 30.96
CA PRO A 361 -26.49 20.50 31.78
C PRO A 361 -27.25 19.43 30.97
N ASP A 362 -28.15 19.87 30.09
CA ASP A 362 -29.03 19.02 29.24
C ASP A 362 -28.41 18.79 27.86
N ASP A 363 -27.15 19.22 27.64
CA ASP A 363 -26.27 18.62 26.62
C ASP A 363 -26.05 17.15 27.01
N GLU A 364 -26.37 16.22 26.11
CA GLU A 364 -26.28 14.75 26.35
C GLU A 364 -25.14 14.16 25.52
N VAL A 365 -24.22 13.46 26.17
CA VAL A 365 -22.98 12.94 25.51
C VAL A 365 -22.71 11.52 25.99
N TRP A 366 -22.81 10.55 25.08
CA TRP A 366 -22.34 9.17 25.32
C TRP A 366 -21.28 8.82 24.27
N VAL A 367 -20.57 7.70 24.50
CA VAL A 367 -19.39 7.25 23.70
C VAL A 367 -19.75 5.92 23.03
N ALA A 368 -19.96 5.93 21.71
CA ALA A 368 -20.43 4.76 20.92
C ALA A 368 -19.24 3.89 20.51
N ASP A 369 -19.44 2.57 20.47
CA ASP A 369 -18.52 1.60 19.83
C ASP A 369 -18.84 1.56 18.33
N ALA A 370 -18.14 0.72 17.57
CA ALA A 370 -18.19 0.67 16.08
C ALA A 370 -19.63 0.41 15.60
N GLU A 371 -20.45 -0.32 16.36
CA GLU A 371 -21.88 -0.61 16.03
C GLU A 371 -22.75 0.59 16.40
N GLY A 372 -22.66 1.06 17.64
CA GLY A 372 -23.46 2.17 18.17
C GLY A 372 -24.09 1.82 19.51
N ASN A 373 -23.36 1.11 20.38
CA ASN A 373 -23.78 0.79 21.77
C ASN A 373 -22.96 1.64 22.73
N PRO A 374 -23.51 2.02 23.91
CA PRO A 374 -22.76 2.84 24.86
C PRO A 374 -21.56 2.07 25.41
N LEU A 375 -20.40 2.73 25.49
CA LEU A 375 -19.19 2.22 26.18
C LEU A 375 -19.10 2.88 27.54
N PRO A 376 -18.71 2.15 28.61
CA PRO A 376 -18.63 2.74 29.95
C PRO A 376 -17.50 3.78 30.06
N GLN A 377 -17.51 4.55 31.16
CA GLN A 377 -16.62 5.75 31.31
C GLN A 377 -15.16 5.29 31.19
N GLY A 378 -14.32 6.13 30.57
CA GLY A 378 -12.88 5.87 30.40
C GLY A 378 -12.58 5.06 29.16
N GLU A 379 -13.59 4.44 28.53
CA GLU A 379 -13.44 3.78 27.21
C GLU A 379 -13.40 4.85 26.11
N VAL A 380 -12.65 4.60 25.04
CA VAL A 380 -12.48 5.50 23.86
C VAL A 380 -13.46 5.07 22.77
N GLY A 381 -14.20 6.02 22.20
CA GLY A 381 -15.14 5.76 21.10
C GLY A 381 -15.72 7.03 20.52
N ARG A 382 -16.70 6.86 19.62
CA ARG A 382 -17.35 7.92 18.83
C ARG A 382 -18.19 8.82 19.73
N LEU A 383 -17.96 10.14 19.67
CA LEU A 383 -18.79 11.17 20.35
C LEU A 383 -20.20 11.16 19.72
N MET A 384 -21.20 10.74 20.49
CA MET A 384 -22.65 10.86 20.17
C MET A 384 -23.26 11.93 21.10
N THR A 385 -23.87 12.97 20.54
CA THR A 385 -24.42 14.12 21.31
C THR A 385 -25.73 14.62 20.70
N ARG A 386 -26.61 15.15 21.54
CA ARG A 386 -27.77 16.00 21.17
C ARG A 386 -28.06 16.96 22.34
N GLY A 387 -28.70 18.09 22.06
CA GLY A 387 -28.99 19.10 23.09
C GLY A 387 -29.73 20.29 22.51
N PRO A 388 -30.03 21.30 23.36
CA PRO A 388 -30.81 22.47 22.97
C PRO A 388 -30.19 23.40 21.91
N TYR A 389 -28.87 23.32 21.66
CA TYR A 389 -28.18 24.12 20.61
C TYR A 389 -27.46 23.21 19.62
N THR A 390 -27.50 21.89 19.82
CA THR A 390 -27.03 20.88 18.83
C THR A 390 -28.17 20.60 17.84
N PHE A 391 -27.91 20.86 16.55
CA PHE A 391 -28.87 20.78 15.41
C PHE A 391 -29.38 19.35 15.20
N ARG A 392 -30.34 19.18 14.29
CA ARG A 392 -31.02 17.90 14.02
C ARG A 392 -30.98 17.55 12.54
N GLY A 393 -30.25 18.30 11.71
CA GLY A 393 -30.10 17.99 10.29
C GLY A 393 -29.38 19.10 9.55
N TYR A 394 -28.44 18.74 8.66
CA TYR A 394 -27.85 19.68 7.69
C TYR A 394 -29.00 20.20 6.82
N TYR A 395 -28.79 21.32 6.13
CA TYR A 395 -29.79 21.95 5.22
C TYR A 395 -29.95 21.07 3.98
N LYS A 396 -31.19 20.74 3.62
CA LYS A 396 -31.56 20.00 2.38
C LYS A 396 -30.60 18.84 2.09
N SER A 397 -30.34 17.98 3.08
CA SER A 397 -29.38 16.84 2.95
C SER A 397 -29.98 15.54 3.48
N PRO A 398 -31.14 15.09 2.95
CA PRO A 398 -31.79 13.87 3.42
C PRO A 398 -30.89 12.64 3.31
N GLN A 399 -30.05 12.61 2.26
CA GLN A 399 -29.09 11.50 2.00
C GLN A 399 -28.11 11.43 3.19
N HIS A 400 -27.40 12.53 3.49
CA HIS A 400 -26.32 12.57 4.50
C HIS A 400 -26.93 12.56 5.92
N ASN A 401 -28.09 13.19 6.11
CA ASN A 401 -28.78 13.27 7.42
C ASN A 401 -29.09 11.86 7.90
N ALA A 402 -29.50 10.97 6.99
CA ALA A 402 -29.78 9.53 7.27
C ALA A 402 -28.58 8.91 7.98
N SER A 403 -27.36 9.20 7.50
CA SER A 403 -26.07 8.65 8.00
C SER A 403 -25.62 9.35 9.28
N ALA A 404 -25.86 10.67 9.38
CA ALA A 404 -25.22 11.57 10.36
C ALA A 404 -25.86 11.43 11.76
N PHE A 405 -27.11 10.98 11.83
CA PHE A 405 -27.89 10.87 13.10
C PHE A 405 -28.40 9.44 13.28
N ASP A 406 -28.42 8.98 14.53
CA ASP A 406 -29.06 7.69 14.92
C ASP A 406 -30.57 7.92 15.03
N ALA A 407 -31.30 6.86 15.44
CA ALA A 407 -32.78 6.80 15.50
C ALA A 407 -33.33 7.91 16.42
N ASN A 408 -32.63 8.23 17.51
CA ASN A 408 -33.10 9.12 18.61
C ASN A 408 -32.64 10.57 18.42
N GLY A 409 -32.01 10.91 17.28
CA GLY A 409 -31.63 12.29 16.94
C GLY A 409 -30.29 12.70 17.54
N PHE A 410 -29.49 11.72 17.99
CA PHE A 410 -28.10 11.91 18.43
C PHE A 410 -27.23 12.09 17.18
N TYR A 411 -26.45 13.17 17.13
CA TYR A 411 -25.44 13.44 16.08
C TYR A 411 -24.13 12.74 16.46
N CYS A 412 -23.50 12.05 15.51
CA CYS A 412 -22.10 11.60 15.61
C CYS A 412 -21.19 12.69 15.02
N SER A 413 -20.22 13.17 15.81
CA SER A 413 -19.29 14.25 15.41
C SER A 413 -18.11 13.69 14.60
N GLY A 414 -17.98 12.36 14.52
CA GLY A 414 -16.85 11.66 13.89
C GLY A 414 -15.56 11.89 14.65
N ASP A 415 -15.66 12.33 15.91
CA ASP A 415 -14.54 12.48 16.86
C ASP A 415 -14.51 11.24 17.74
N LEU A 416 -13.31 10.77 18.09
CA LEU A 416 -13.12 9.73 19.13
C LEU A 416 -12.73 10.42 20.43
N ILE A 417 -13.41 10.06 21.52
CA ILE A 417 -13.25 10.71 22.86
C ILE A 417 -13.32 9.64 23.95
N SER A 418 -12.73 9.94 25.10
CA SER A 418 -12.95 9.25 26.39
C SER A 418 -13.52 10.29 27.36
N ILE A 419 -14.21 9.83 28.41
CA ILE A 419 -14.75 10.68 29.51
C ILE A 419 -14.13 10.21 30.83
N ASP A 420 -13.65 11.17 31.64
CA ASP A 420 -13.12 10.98 33.01
C ASP A 420 -14.19 10.44 33.95
N PRO A 421 -13.79 9.84 35.09
CA PRO A 421 -14.67 9.69 36.25
C PRO A 421 -15.36 11.00 36.67
N GLU A 422 -14.70 12.15 36.48
CA GLU A 422 -15.20 13.49 36.87
C GLU A 422 -16.15 14.06 35.80
N GLY A 423 -16.25 13.42 34.64
CA GLY A 423 -17.22 13.75 33.57
C GLY A 423 -16.65 14.67 32.50
N TYR A 424 -15.31 14.82 32.43
CA TYR A 424 -14.59 15.70 31.48
C TYR A 424 -14.19 14.93 30.22
N ILE A 425 -14.33 15.56 29.05
CA ILE A 425 -14.04 14.98 27.71
C ILE A 425 -12.59 15.25 27.33
N THR A 426 -11.87 14.20 26.94
CA THR A 426 -10.53 14.25 26.27
C THR A 426 -10.69 13.76 24.84
N VAL A 427 -10.22 14.52 23.85
CA VAL A 427 -10.24 14.10 22.41
C VAL A 427 -9.04 13.18 22.18
N GLN A 428 -9.29 11.95 21.72
CA GLN A 428 -8.27 10.88 21.57
C GLN A 428 -7.96 10.65 20.08
N GLY A 429 -8.82 11.14 19.17
CA GLY A 429 -8.60 11.00 17.71
C GLY A 429 -9.84 11.31 16.90
N ARG A 430 -10.00 10.65 15.75
CA ARG A 430 -10.97 11.05 14.72
C ARG A 430 -11.31 9.87 13.80
N GLU A 431 -12.59 9.68 13.50
CA GLU A 431 -13.08 8.66 12.54
C GLU A 431 -13.48 9.34 11.21
N LYS A 432 -13.98 10.59 11.25
CA LYS A 432 -14.48 11.28 10.03
C LYS A 432 -13.29 11.58 9.10
N ASP A 433 -13.49 11.42 7.79
CA ASP A 433 -12.46 11.58 6.73
C ASP A 433 -12.17 13.08 6.58
N GLN A 434 -11.58 13.66 7.62
CA GLN A 434 -11.32 15.12 7.75
C GLN A 434 -9.88 15.33 8.24
N ILE A 435 -9.15 16.25 7.61
CA ILE A 435 -7.83 16.73 8.08
C ILE A 435 -8.06 18.04 8.85
N ASN A 436 -7.39 18.18 10.00
CA ASN A 436 -7.47 19.37 10.88
C ASN A 436 -6.14 20.12 10.77
N ARG A 437 -6.05 21.01 9.78
CA ARG A 437 -4.82 21.78 9.45
C ARG A 437 -4.75 23.01 10.35
N GLY A 438 -4.16 22.85 11.53
CA GLY A 438 -4.02 23.92 12.53
C GLY A 438 -5.37 24.50 12.97
N GLY A 439 -6.43 23.68 12.96
CA GLY A 439 -7.80 24.10 13.33
C GLY A 439 -8.71 24.20 12.11
N GLU A 440 -8.14 24.51 10.94
CA GLU A 440 -8.87 24.63 9.64
C GLU A 440 -9.19 23.23 9.12
N LYS A 441 -10.44 23.03 8.68
CA LYS A 441 -10.99 21.69 8.33
C LYS A 441 -11.00 21.53 6.82
N ILE A 442 -10.46 20.40 6.36
CA ILE A 442 -10.47 19.96 4.93
C ILE A 442 -11.19 18.62 4.86
N ALA A 443 -12.27 18.56 4.07
CA ALA A 443 -12.95 17.32 3.65
C ALA A 443 -12.08 16.61 2.62
N ALA A 444 -11.41 15.52 3.02
CA ALA A 444 -10.47 14.74 2.19
C ALA A 444 -11.13 14.36 0.85
N GLU A 445 -12.43 14.00 0.91
CA GLU A 445 -13.25 13.55 -0.24
C GLU A 445 -13.36 14.68 -1.26
N GLU A 446 -13.62 15.91 -0.79
CA GLU A 446 -13.73 17.13 -1.64
C GLU A 446 -12.49 17.25 -2.51
N ILE A 447 -11.31 17.10 -1.91
CA ILE A 447 -9.97 17.30 -2.55
C ILE A 447 -9.66 16.10 -3.46
N GLU A 448 -9.94 14.88 -2.98
CA GLU A 448 -9.69 13.64 -3.76
C GLU A 448 -10.49 13.71 -5.08
N ASN A 449 -11.75 14.14 -5.01
CA ASN A 449 -12.61 14.27 -6.22
C ASN A 449 -11.96 15.24 -7.20
N LEU A 450 -11.45 16.38 -6.71
CA LEU A 450 -10.79 17.42 -7.54
C LEU A 450 -9.52 16.84 -8.18
N LEU A 451 -8.70 16.15 -7.40
CA LEU A 451 -7.45 15.51 -7.87
C LEU A 451 -7.75 14.52 -9.01
N LEU A 452 -8.84 13.76 -8.91
CA LEU A 452 -9.23 12.73 -9.91
C LEU A 452 -9.65 13.40 -11.22
N ARG A 453 -10.08 14.66 -11.19
CA ARG A 453 -10.37 15.45 -12.42
C ARG A 453 -9.12 15.54 -13.30
N HIS A 454 -7.93 15.64 -12.69
CA HIS A 454 -6.63 15.81 -13.40
C HIS A 454 -6.39 14.61 -14.32
N PRO A 455 -6.07 14.85 -15.62
CA PRO A 455 -5.92 13.78 -16.61
C PRO A 455 -4.91 12.68 -16.27
N ALA A 456 -3.87 13.04 -15.53
CA ALA A 456 -2.75 12.14 -15.17
C ALA A 456 -3.15 11.26 -13.97
N VAL A 457 -4.13 11.71 -13.16
CA VAL A 457 -4.42 11.10 -11.82
C VAL A 457 -5.41 9.95 -11.99
N ILE A 458 -4.94 8.73 -11.70
CA ILE A 458 -5.76 7.50 -11.68
C ILE A 458 -6.49 7.44 -10.33
N TYR A 459 -5.73 7.46 -9.23
CA TYR A 459 -6.24 7.30 -7.84
C TYR A 459 -5.65 8.40 -6.94
N ALA A 460 -6.45 8.88 -5.99
CA ALA A 460 -6.09 9.95 -5.04
C ALA A 460 -6.40 9.49 -3.60
N ALA A 461 -5.45 9.72 -2.69
CA ALA A 461 -5.62 9.60 -1.22
C ALA A 461 -5.08 10.86 -0.55
N LEU A 462 -5.94 11.65 0.09
CA LEU A 462 -5.53 12.77 0.97
C LEU A 462 -5.53 12.26 2.42
N VAL A 463 -4.40 12.35 3.12
CA VAL A 463 -4.24 11.87 4.52
C VAL A 463 -3.57 12.96 5.36
N SER A 464 -3.86 12.97 6.66
CA SER A 464 -3.08 13.71 7.70
C SER A 464 -1.65 13.18 7.75
N MET A 465 -0.70 14.07 8.00
CA MET A 465 0.65 13.69 8.50
C MET A 465 0.98 14.61 9.66
N GLU A 466 1.50 14.06 10.76
CA GLU A 466 1.99 14.83 11.94
C GLU A 466 2.81 16.02 11.43
N ASP A 467 2.59 17.21 12.01
CA ASP A 467 3.37 18.44 11.77
C ASP A 467 3.42 19.20 13.11
N GLU A 468 4.63 19.54 13.59
CA GLU A 468 4.80 20.02 14.98
C GLU A 468 4.01 21.33 15.16
N LEU A 469 4.12 22.26 14.21
CA LEU A 469 3.43 23.59 14.25
C LEU A 469 1.91 23.40 14.16
N MET A 470 1.46 22.76 13.08
CA MET A 470 0.06 22.83 12.58
C MET A 470 -0.78 21.68 13.16
N GLY A 471 -0.15 20.73 13.85
CA GLY A 471 -0.80 19.50 14.33
C GLY A 471 -0.92 18.49 13.20
N GLU A 472 -1.46 18.93 12.07
CA GLU A 472 -1.60 18.10 10.84
C GLU A 472 -1.35 18.98 9.60
N LYS A 473 -0.70 18.41 8.59
CA LYS A 473 -0.58 18.99 7.23
C LYS A 473 -1.21 17.99 6.25
N SER A 474 -1.65 18.48 5.08
CA SER A 474 -2.28 17.67 4.01
C SER A 474 -1.17 17.01 3.19
N CYS A 475 -1.32 15.71 2.91
CA CYS A 475 -0.47 14.95 1.96
C CYS A 475 -1.37 14.21 0.96
N ALA A 476 -1.19 14.52 -0.34
CA ALA A 476 -1.89 13.90 -1.47
C ALA A 476 -1.05 12.75 -2.02
N TYR A 477 -1.55 11.51 -1.93
CA TYR A 477 -0.96 10.31 -2.58
C TYR A 477 -1.69 10.07 -3.89
N LEU A 478 -0.94 10.09 -4.99
CA LEU A 478 -1.49 9.97 -6.36
C LEU A 478 -0.85 8.78 -7.08
N VAL A 479 -1.69 7.96 -7.73
CA VAL A 479 -1.23 6.96 -8.73
C VAL A 479 -1.49 7.57 -10.10
N VAL A 480 -0.42 7.82 -10.85
CA VAL A 480 -0.39 8.78 -12.00
C VAL A 480 0.03 8.05 -13.28
N LYS A 481 -0.48 8.50 -14.42
CA LYS A 481 -0.15 7.97 -15.78
C LYS A 481 1.28 8.39 -16.15
N GLU A 482 1.71 9.56 -15.67
CA GLU A 482 2.90 10.30 -16.19
C GLU A 482 3.51 11.10 -15.03
N PRO A 483 4.79 11.54 -15.14
CA PRO A 483 5.41 12.29 -14.04
C PRO A 483 4.56 13.51 -13.63
N LEU A 484 4.39 13.73 -12.32
CA LEU A 484 3.54 14.84 -11.81
C LEU A 484 4.18 15.48 -10.57
N ARG A 485 4.61 16.74 -10.70
CA ARG A 485 5.29 17.48 -9.60
C ARG A 485 4.23 18.25 -8.80
N ALA A 486 4.47 18.41 -7.50
CA ALA A 486 3.60 19.10 -6.52
C ALA A 486 3.05 20.42 -7.11
N VAL A 487 3.89 21.25 -7.75
CA VAL A 487 3.47 22.57 -8.31
C VAL A 487 2.35 22.36 -9.34
N GLN A 488 2.40 21.25 -10.09
CA GLN A 488 1.43 20.97 -11.18
C GLN A 488 0.07 20.70 -10.54
N VAL A 489 0.04 19.78 -9.58
CA VAL A 489 -1.15 19.44 -8.74
C VAL A 489 -1.72 20.71 -8.11
N ARG A 490 -0.87 21.49 -7.45
CA ARG A 490 -1.29 22.70 -6.70
C ARG A 490 -1.82 23.75 -7.69
N ARG A 491 -1.07 24.05 -8.76
CA ARG A 491 -1.50 25.03 -9.80
C ARG A 491 -2.88 24.61 -10.32
N PHE A 492 -3.04 23.31 -10.61
CA PHE A 492 -4.28 22.69 -11.15
C PHE A 492 -5.45 22.93 -10.19
N LEU A 493 -5.24 22.66 -8.89
CA LEU A 493 -6.30 22.80 -7.84
C LEU A 493 -6.69 24.28 -7.70
N ARG A 494 -5.73 25.19 -7.85
CA ARG A 494 -5.97 26.65 -7.73
C ARG A 494 -6.86 27.10 -8.90
N GLU A 495 -6.67 26.51 -10.09
CA GLU A 495 -7.53 26.77 -11.27
C GLU A 495 -8.97 26.34 -10.94
N GLN A 496 -9.15 25.14 -10.35
CA GLN A 496 -10.48 24.62 -9.92
C GLN A 496 -11.15 25.63 -8.97
N GLY A 497 -10.34 26.41 -8.24
CA GLY A 497 -10.77 27.56 -7.43
C GLY A 497 -11.14 27.14 -6.02
N ILE A 498 -10.14 26.81 -5.19
CA ILE A 498 -10.36 26.42 -3.77
C ILE A 498 -9.44 27.26 -2.86
N ALA A 499 -9.71 27.22 -1.55
CA ALA A 499 -8.98 27.96 -0.51
C ALA A 499 -7.55 27.43 -0.42
N GLU A 500 -6.57 28.30 -0.12
CA GLU A 500 -5.14 27.93 -0.06
C GLU A 500 -4.95 26.77 0.92
N PHE A 501 -5.51 26.85 2.13
CA PHE A 501 -5.27 25.85 3.20
C PHE A 501 -5.64 24.45 2.71
N LYS A 502 -6.48 24.35 1.66
CA LYS A 502 -6.99 23.08 1.08
C LYS A 502 -5.99 22.44 0.09
N LEU A 503 -5.02 23.21 -0.40
CA LEU A 503 -3.92 22.70 -1.27
C LEU A 503 -3.04 21.75 -0.46
N PRO A 504 -2.71 20.55 -0.96
CA PRO A 504 -1.84 19.63 -0.24
C PRO A 504 -0.45 20.21 0.03
N ASP A 505 -0.07 20.27 1.32
CA ASP A 505 1.27 20.72 1.77
C ASP A 505 2.31 19.81 1.15
N ARG A 506 1.92 18.58 0.80
CA ARG A 506 2.83 17.54 0.25
C ARG A 506 2.09 16.71 -0.79
N VAL A 507 2.74 16.47 -1.92
CA VAL A 507 2.26 15.54 -2.99
C VAL A 507 3.32 14.47 -3.19
N GLU A 508 2.89 13.22 -3.34
CA GLU A 508 3.79 12.07 -3.59
C GLU A 508 3.09 11.11 -4.57
N CYS A 509 3.70 10.93 -5.74
CA CYS A 509 3.29 9.91 -6.74
C CYS A 509 3.83 8.55 -6.27
N VAL A 510 2.95 7.55 -6.21
CA VAL A 510 3.32 6.18 -5.78
C VAL A 510 2.83 5.20 -6.84
N ASP A 511 3.46 4.02 -6.88
CA ASP A 511 3.30 2.97 -7.93
C ASP A 511 1.91 2.34 -7.82
N SER A 512 1.43 2.16 -6.58
CA SER A 512 0.09 1.61 -6.25
C SER A 512 -0.48 2.25 -4.98
N LEU A 513 -1.80 2.24 -4.86
CA LEU A 513 -2.56 2.44 -3.59
C LEU A 513 -3.50 1.27 -3.38
N PRO A 514 -3.80 0.86 -2.13
CA PRO A 514 -4.72 -0.24 -1.87
C PRO A 514 -6.22 0.12 -2.04
N LEU A 515 -6.99 -0.77 -2.67
CA LEU A 515 -8.43 -0.59 -3.02
C LEU A 515 -9.31 -1.64 -2.34
N VAL A 521 -10.12 3.85 -2.09
CA VAL A 521 -8.81 3.74 -1.36
C VAL A 521 -9.07 3.37 0.10
N ASP A 522 -8.41 2.31 0.58
CA ASP A 522 -8.29 1.95 2.02
C ASP A 522 -7.23 2.86 2.67
N LYS A 523 -7.66 3.99 3.21
CA LYS A 523 -6.78 4.98 3.90
C LYS A 523 -6.24 4.33 5.17
N LYS A 524 -7.05 3.50 5.84
CA LYS A 524 -6.69 2.76 7.08
C LYS A 524 -5.37 2.01 6.87
N GLN A 525 -5.21 1.32 5.74
CA GLN A 525 -3.99 0.52 5.43
C GLN A 525 -2.84 1.46 5.04
N LEU A 526 -3.12 2.50 4.24
CA LEU A 526 -2.14 3.50 3.74
C LEU A 526 -1.37 4.16 4.90
N ARG A 527 -2.01 4.34 6.07
CA ARG A 527 -1.37 4.85 7.31
C ARG A 527 -0.27 3.89 7.74
N GLN A 528 -0.55 2.58 7.67
CA GLN A 528 0.36 1.48 8.09
C GLN A 528 1.50 1.35 7.06
N ILE B 3 7.23 -36.51 -31.42
CA ILE B 3 7.06 -35.60 -30.24
C ILE B 3 7.31 -34.16 -30.66
N PRO B 4 6.29 -33.29 -30.63
CA PRO B 4 6.38 -31.95 -31.22
C PRO B 4 7.09 -30.93 -30.31
N PHE B 5 8.05 -30.20 -30.87
CA PHE B 5 8.85 -29.15 -30.18
C PHE B 5 9.18 -28.05 -31.17
N THR B 6 9.52 -26.86 -30.67
CA THR B 6 9.96 -25.72 -31.52
C THR B 6 11.40 -25.98 -31.98
N ARG B 7 11.60 -26.13 -33.29
CA ARG B 7 12.94 -26.33 -33.92
C ARG B 7 13.64 -24.98 -33.97
N TRP B 8 14.97 -24.99 -34.09
CA TRP B 8 15.77 -23.77 -34.41
C TRP B 8 15.56 -23.47 -35.90
N PRO B 9 15.60 -22.19 -36.34
CA PRO B 9 15.62 -21.90 -37.77
C PRO B 9 16.83 -22.63 -38.37
N GLU B 10 16.77 -22.93 -39.66
CA GLU B 10 17.74 -23.86 -40.31
C GLU B 10 19.13 -23.22 -40.31
N GLU B 11 19.23 -21.90 -40.51
CA GLU B 11 20.55 -21.18 -40.55
C GLU B 11 21.21 -21.28 -39.17
N PHE B 12 20.43 -21.40 -38.09
CA PHE B 12 20.92 -21.57 -36.70
C PHE B 12 21.40 -23.01 -36.48
N ALA B 13 20.59 -24.01 -36.81
CA ALA B 13 20.94 -25.44 -36.73
C ALA B 13 22.24 -25.69 -37.51
N ARG B 14 22.36 -25.06 -38.69
CA ARG B 14 23.51 -25.24 -39.62
C ARG B 14 24.76 -24.62 -39.03
N ARG B 15 24.66 -23.38 -38.56
CA ARG B 15 25.76 -22.64 -37.89
C ARG B 15 26.24 -23.46 -36.68
N TYR B 16 25.32 -23.93 -35.83
CA TYR B 16 25.63 -24.65 -34.56
C TYR B 16 26.26 -26.01 -34.87
N ARG B 17 25.94 -26.61 -36.03
CA ARG B 17 26.60 -27.85 -36.51
C ARG B 17 27.99 -27.50 -37.07
N GLU B 18 28.11 -26.45 -37.88
CA GLU B 18 29.38 -26.00 -38.53
C GLU B 18 30.44 -25.74 -37.45
N LYS B 19 30.06 -25.14 -36.31
CA LYS B 19 30.97 -24.75 -35.19
C LYS B 19 31.23 -25.93 -34.25
N GLY B 20 30.54 -27.06 -34.44
CA GLY B 20 30.80 -28.32 -33.70
C GLY B 20 30.05 -28.42 -32.39
N TYR B 21 29.11 -27.50 -32.11
CA TYR B 21 28.28 -27.50 -30.88
C TYR B 21 27.35 -28.73 -30.90
N TRP B 22 26.53 -28.83 -31.95
CA TRP B 22 25.67 -30.01 -32.25
C TRP B 22 26.53 -31.06 -32.94
N GLN B 23 26.73 -32.20 -32.31
CA GLN B 23 27.58 -33.32 -32.81
C GLN B 23 26.72 -34.44 -33.39
N ASP B 24 25.39 -34.30 -33.34
CA ASP B 24 24.37 -35.28 -33.82
C ASP B 24 24.60 -36.66 -33.17
N LEU B 25 24.99 -36.71 -31.89
CA LEU B 25 25.11 -37.97 -31.11
C LEU B 25 24.00 -38.04 -30.07
N PRO B 26 23.46 -39.25 -29.78
CA PRO B 26 22.51 -39.42 -28.70
C PRO B 26 23.20 -39.23 -27.34
N LEU B 27 22.43 -39.00 -26.27
CA LEU B 27 22.93 -38.79 -24.88
C LEU B 27 23.38 -40.14 -24.31
N THR B 28 22.91 -41.25 -24.88
CA THR B 28 23.33 -42.64 -24.52
C THR B 28 24.85 -42.74 -24.65
N ASP B 29 25.42 -42.02 -25.61
CA ASP B 29 26.88 -41.95 -25.91
C ASP B 29 27.66 -41.64 -24.62
N ILE B 30 27.11 -40.78 -23.76
CA ILE B 30 27.73 -40.33 -22.47
C ILE B 30 28.12 -41.58 -21.65
N LEU B 31 27.28 -42.60 -21.68
CA LEU B 31 27.42 -43.84 -20.86
C LEU B 31 28.13 -44.93 -21.68
N THR B 32 27.78 -45.10 -22.95
CA THR B 32 28.18 -46.27 -23.78
C THR B 32 29.65 -46.13 -24.21
N ARG B 33 30.21 -44.91 -24.22
CA ARG B 33 31.67 -44.72 -24.45
C ARG B 33 32.45 -45.43 -23.33
N HIS B 34 31.83 -45.64 -22.17
CA HIS B 34 32.45 -46.24 -20.95
C HIS B 34 31.92 -47.66 -20.69
N ALA B 35 31.23 -48.27 -21.66
CA ALA B 35 30.50 -49.54 -21.50
C ALA B 35 31.45 -50.69 -21.13
N ALA B 36 32.75 -50.57 -21.45
CA ALA B 36 33.78 -51.60 -21.22
C ALA B 36 34.44 -51.41 -19.84
N SER B 37 34.19 -50.28 -19.18
CA SER B 37 34.95 -49.78 -17.99
C SER B 37 34.42 -50.40 -16.69
N ASP B 38 35.34 -50.72 -15.76
CA ASP B 38 35.03 -51.26 -14.42
C ASP B 38 35.35 -50.22 -13.35
N SER B 39 35.74 -48.99 -13.74
CA SER B 39 35.86 -47.84 -12.80
C SER B 39 34.47 -47.47 -12.28
N ILE B 40 34.38 -46.99 -11.03
CA ILE B 40 33.09 -46.73 -10.34
C ILE B 40 32.48 -45.43 -10.86
N ALA B 41 31.21 -45.50 -11.29
CA ALA B 41 30.42 -44.41 -11.88
C ALA B 41 29.46 -43.83 -10.83
N VAL B 42 28.86 -44.69 -10.01
CA VAL B 42 27.84 -44.30 -8.99
C VAL B 42 28.15 -44.99 -7.66
N ILE B 43 28.22 -44.21 -6.58
CA ILE B 43 28.20 -44.68 -5.16
C ILE B 43 26.88 -44.20 -4.54
N ASP B 44 26.12 -45.11 -3.93
CA ASP B 44 24.77 -44.86 -3.37
C ASP B 44 24.62 -45.64 -2.05
N GLY B 45 25.01 -45.03 -0.94
CA GLY B 45 25.13 -45.73 0.36
C GLY B 45 26.27 -46.71 0.32
N GLU B 46 25.98 -48.01 0.50
CA GLU B 46 26.97 -49.12 0.49
C GLU B 46 27.32 -49.54 -0.94
N ARG B 47 26.47 -49.23 -1.92
CA ARG B 47 26.43 -49.84 -3.28
C ARG B 47 27.33 -49.06 -4.24
N GLN B 48 28.15 -49.76 -5.02
CA GLN B 48 29.06 -49.15 -6.03
C GLN B 48 28.80 -49.81 -7.39
N LEU B 49 28.26 -49.03 -8.34
CA LEU B 49 28.04 -49.46 -9.75
C LEU B 49 29.21 -48.95 -10.59
N SER B 50 29.82 -49.84 -11.37
CA SER B 50 30.77 -49.54 -12.45
C SER B 50 30.02 -48.97 -13.66
N TYR B 51 30.74 -48.39 -14.61
CA TYR B 51 30.18 -47.95 -15.92
C TYR B 51 29.61 -49.17 -16.65
N ARG B 52 30.34 -50.29 -16.65
CA ARG B 52 29.88 -51.56 -17.28
C ARG B 52 28.51 -51.94 -16.71
N GLU B 53 28.40 -52.02 -15.38
CA GLU B 53 27.19 -52.44 -14.64
C GLU B 53 26.03 -51.48 -14.91
N LEU B 54 26.31 -50.17 -14.85
CA LEU B 54 25.31 -49.09 -15.08
C LEU B 54 24.71 -49.25 -16.49
N ASN B 55 25.57 -49.27 -17.51
CA ASN B 55 25.20 -49.48 -18.92
C ASN B 55 24.38 -50.77 -19.06
N GLN B 56 24.79 -51.86 -18.40
CA GLN B 56 24.09 -53.17 -18.45
C GLN B 56 22.72 -53.04 -17.80
N ALA B 57 22.66 -52.45 -16.60
CA ALA B 57 21.40 -52.16 -15.87
C ALA B 57 20.42 -51.42 -16.79
N ALA B 58 20.90 -50.37 -17.47
CA ALA B 58 20.11 -49.50 -18.37
C ALA B 58 19.53 -50.33 -19.53
N ASP B 59 20.35 -51.19 -20.14
CA ASP B 59 19.94 -52.15 -21.22
C ASP B 59 18.92 -53.13 -20.66
N ASN B 60 19.24 -53.74 -19.51
CA ASN B 60 18.36 -54.70 -18.78
C ASN B 60 16.96 -54.11 -18.66
N LEU B 61 16.86 -52.88 -18.14
CA LEU B 61 15.60 -52.16 -17.91
C LEU B 61 14.94 -51.80 -19.25
N ALA B 62 15.68 -51.09 -20.12
CA ALA B 62 15.26 -50.72 -21.49
C ALA B 62 14.59 -51.92 -22.15
N CYS B 63 15.24 -53.08 -22.09
CA CYS B 63 14.77 -54.37 -22.69
C CYS B 63 13.47 -54.81 -22.01
N SER B 64 13.47 -54.89 -20.68
CA SER B 64 12.30 -55.26 -19.85
C SER B 64 11.08 -54.41 -20.27
N LEU B 65 11.26 -53.09 -20.37
CA LEU B 65 10.20 -52.12 -20.78
C LEU B 65 9.77 -52.40 -22.23
N ARG B 66 10.71 -52.76 -23.10
CA ARG B 66 10.42 -53.05 -24.54
C ARG B 66 9.49 -54.27 -24.59
N ARG B 67 9.75 -55.27 -23.76
CA ARG B 67 8.94 -56.53 -23.63
C ARG B 67 7.53 -56.18 -23.11
N GLN B 68 7.42 -55.18 -22.22
CA GLN B 68 6.12 -54.71 -21.66
C GLN B 68 5.38 -53.81 -22.66
N GLY B 69 6.04 -53.48 -23.78
CA GLY B 69 5.40 -52.94 -24.99
C GLY B 69 5.57 -51.44 -25.13
N ILE B 70 6.52 -50.86 -24.39
CA ILE B 70 6.85 -49.40 -24.47
C ILE B 70 7.67 -49.20 -25.75
N LYS B 71 7.29 -48.20 -26.56
CA LYS B 71 7.81 -48.00 -27.93
C LYS B 71 8.54 -46.67 -28.01
N PRO B 72 9.51 -46.53 -28.94
CA PRO B 72 10.15 -45.24 -29.22
C PRO B 72 9.12 -44.17 -29.58
N GLY B 73 9.37 -42.91 -29.20
CA GLY B 73 8.50 -41.76 -29.48
C GLY B 73 7.48 -41.49 -28.38
N GLU B 74 7.27 -42.43 -27.47
CA GLU B 74 6.36 -42.26 -26.31
C GLU B 74 7.07 -41.48 -25.19
N THR B 75 6.29 -40.93 -24.27
CA THR B 75 6.75 -40.19 -23.06
C THR B 75 6.64 -41.09 -21.82
N ALA B 76 7.27 -40.65 -20.73
CA ALA B 76 7.23 -41.32 -19.40
C ALA B 76 7.26 -40.26 -18.30
N LEU B 77 6.58 -40.53 -17.17
CA LEU B 77 6.75 -39.78 -15.90
C LEU B 77 7.65 -40.60 -14.97
N VAL B 78 8.78 -40.01 -14.55
CA VAL B 78 9.74 -40.63 -13.59
C VAL B 78 9.83 -39.75 -12.35
N GLN B 79 9.57 -40.34 -11.18
CA GLN B 79 9.77 -39.68 -9.86
C GLN B 79 10.63 -40.58 -8.96
N LEU B 80 11.96 -40.51 -9.16
CA LEU B 80 12.98 -41.11 -8.27
C LEU B 80 13.85 -39.98 -7.70
N GLY B 81 14.32 -40.16 -6.47
CA GLY B 81 15.16 -39.17 -5.76
C GLY B 81 16.63 -39.38 -6.06
N ASN B 82 17.49 -39.22 -5.04
CA ASN B 82 18.96 -39.34 -5.15
C ASN B 82 19.34 -40.82 -5.01
N VAL B 83 18.93 -41.64 -5.98
CA VAL B 83 19.18 -43.11 -6.01
C VAL B 83 19.76 -43.47 -7.38
N ALA B 84 20.59 -44.52 -7.42
CA ALA B 84 21.25 -45.06 -8.65
C ALA B 84 20.20 -45.28 -9.74
N GLU B 85 19.01 -45.74 -9.34
CA GLU B 85 17.91 -46.10 -10.25
C GLU B 85 17.47 -44.85 -11.05
N LEU B 86 17.73 -43.63 -10.58
CA LEU B 86 17.49 -42.41 -11.41
C LEU B 86 18.30 -42.51 -12.70
N TYR B 87 19.61 -42.76 -12.60
CA TYR B 87 20.54 -42.77 -13.75
C TYR B 87 20.27 -44.00 -14.62
N ILE B 88 20.07 -45.17 -14.01
CA ILE B 88 19.69 -46.41 -14.76
C ILE B 88 18.44 -46.07 -15.59
N THR B 89 17.39 -45.54 -14.96
CA THR B 89 16.08 -45.25 -15.62
C THR B 89 16.27 -44.18 -16.71
N PHE B 90 17.04 -43.13 -16.43
CA PHE B 90 17.27 -42.03 -17.41
C PHE B 90 17.90 -42.62 -18.67
N PHE B 91 18.91 -43.47 -18.51
CA PHE B 91 19.68 -44.04 -19.65
C PHE B 91 18.87 -45.15 -20.32
N ALA B 92 18.15 -45.98 -19.55
CA ALA B 92 17.21 -47.00 -20.08
C ALA B 92 16.23 -46.35 -21.06
N LEU B 93 15.55 -45.28 -20.64
CA LEU B 93 14.51 -44.57 -21.45
C LEU B 93 15.16 -43.89 -22.66
N LEU B 94 16.39 -43.37 -22.51
CA LEU B 94 17.13 -42.72 -23.62
C LEU B 94 17.46 -43.76 -24.69
N LYS B 95 17.88 -44.95 -24.26
CA LYS B 95 18.20 -46.12 -25.15
C LYS B 95 16.95 -46.60 -25.88
N LEU B 96 15.75 -46.47 -25.28
CA LEU B 96 14.47 -46.90 -25.90
C LEU B 96 13.93 -45.85 -26.87
N GLY B 97 14.37 -44.58 -26.71
CA GLY B 97 13.85 -43.44 -27.48
C GLY B 97 12.58 -42.88 -26.85
N VAL B 98 12.40 -43.08 -25.55
CA VAL B 98 11.26 -42.58 -24.71
C VAL B 98 11.72 -41.28 -24.03
N ALA B 99 10.95 -40.20 -24.16
CA ALA B 99 11.24 -38.89 -23.55
C ALA B 99 10.53 -38.81 -22.19
N PRO B 100 11.27 -38.81 -21.06
CA PRO B 100 10.66 -38.62 -19.75
C PRO B 100 10.72 -37.17 -19.22
N VAL B 101 9.78 -36.87 -18.33
CA VAL B 101 9.91 -35.82 -17.27
C VAL B 101 10.49 -36.50 -16.02
N LEU B 102 11.50 -35.88 -15.40
CA LEU B 102 12.03 -36.28 -14.08
C LEU B 102 11.47 -35.34 -13.01
N ALA B 103 10.38 -35.77 -12.38
CA ALA B 103 9.76 -35.11 -11.20
C ALA B 103 10.76 -35.21 -10.04
N LEU B 104 10.85 -34.16 -9.23
CA LEU B 104 11.63 -34.20 -7.96
C LEU B 104 10.80 -34.96 -6.92
N PHE B 105 11.45 -35.61 -5.96
CA PHE B 105 10.80 -36.43 -4.91
C PHE B 105 9.76 -35.56 -4.17
N SER B 106 10.10 -34.31 -3.88
CA SER B 106 9.25 -33.33 -3.15
C SER B 106 7.90 -33.10 -3.86
N HIS B 107 7.83 -33.18 -5.19
CA HIS B 107 6.61 -32.96 -6.00
C HIS B 107 5.50 -33.93 -5.58
N GLN B 108 4.24 -33.49 -5.60
CA GLN B 108 3.06 -34.21 -5.06
C GLN B 108 1.97 -34.30 -6.13
N ARG B 109 0.74 -34.67 -5.74
CA ARG B 109 -0.47 -34.85 -6.61
C ARG B 109 -0.52 -33.77 -7.70
N SER B 110 -0.69 -32.50 -7.33
CA SER B 110 -0.97 -31.39 -8.30
C SER B 110 0.11 -31.41 -9.39
N GLU B 111 1.38 -31.56 -9.00
CA GLU B 111 2.56 -31.50 -9.90
C GLU B 111 2.56 -32.72 -10.83
N LEU B 112 2.46 -33.92 -10.27
CA LEU B 112 2.46 -35.17 -11.08
C LEU B 112 1.33 -35.10 -12.10
N ASN B 113 0.12 -34.76 -11.64
CA ASN B 113 -1.10 -34.61 -12.48
C ASN B 113 -0.80 -33.65 -13.65
N ALA B 114 -0.20 -32.49 -13.33
CA ALA B 114 0.16 -31.45 -14.32
C ALA B 114 1.11 -32.05 -15.36
N TYR B 115 2.13 -32.77 -14.90
CA TYR B 115 3.18 -33.35 -15.79
C TYR B 115 2.53 -34.42 -16.68
N ALA B 116 1.83 -35.38 -16.07
CA ALA B 116 1.14 -36.51 -16.75
C ALA B 116 0.18 -35.99 -17.82
N SER B 117 -0.52 -34.87 -17.53
CA SER B 117 -1.56 -34.26 -18.39
C SER B 117 -0.93 -33.75 -19.68
N GLN B 118 0.23 -33.09 -19.60
CA GLN B 118 0.87 -32.43 -20.77
C GLN B 118 1.56 -33.48 -21.65
N ILE B 119 2.20 -34.52 -21.08
CA ILE B 119 3.05 -35.47 -21.84
C ILE B 119 2.26 -36.74 -22.23
N GLU B 120 1.18 -37.07 -21.49
CA GLU B 120 0.31 -38.26 -21.75
C GLU B 120 1.18 -39.52 -21.75
N PRO B 121 1.83 -39.84 -20.62
CA PRO B 121 2.91 -40.84 -20.62
C PRO B 121 2.40 -42.27 -20.84
N ALA B 122 3.22 -43.13 -21.45
CA ALA B 122 2.97 -44.58 -21.55
C ALA B 122 3.48 -45.28 -20.29
N LEU B 123 4.45 -44.67 -19.60
CA LEU B 123 5.18 -45.30 -18.47
C LEU B 123 5.16 -44.37 -17.25
N LEU B 124 4.93 -44.94 -16.06
CA LEU B 124 5.12 -44.27 -14.75
C LEU B 124 6.14 -45.06 -13.93
N ILE B 125 7.21 -44.38 -13.49
CA ILE B 125 8.23 -44.94 -12.55
C ILE B 125 8.28 -44.01 -11.32
N ALA B 126 7.94 -44.56 -10.16
CA ALA B 126 7.91 -43.86 -8.86
C ALA B 126 8.44 -44.79 -7.76
N ASP B 127 8.34 -44.35 -6.50
CA ASP B 127 9.05 -44.95 -5.34
C ASP B 127 8.02 -45.23 -4.24
N ARG B 128 7.92 -46.48 -3.77
CA ARG B 128 6.96 -46.87 -2.69
C ARG B 128 7.35 -46.18 -1.37
N GLN B 129 8.55 -45.60 -1.28
CA GLN B 129 8.97 -44.74 -0.14
C GLN B 129 8.32 -43.35 -0.22
N HIS B 130 7.75 -42.99 -1.36
CA HIS B 130 6.98 -41.74 -1.52
C HIS B 130 5.64 -41.91 -0.80
N ALA B 131 5.17 -40.85 -0.13
CA ALA B 131 3.89 -40.79 0.60
C ALA B 131 2.77 -41.27 -0.32
N LEU B 132 2.81 -40.86 -1.59
CA LEU B 132 1.75 -41.10 -2.61
C LEU B 132 1.75 -42.54 -3.12
N PHE B 133 2.82 -43.32 -2.90
CA PHE B 133 3.03 -44.61 -3.60
C PHE B 133 3.26 -45.77 -2.62
N SER B 134 3.07 -45.55 -1.31
CA SER B 134 3.12 -46.62 -0.27
C SER B 134 1.86 -47.50 -0.37
N GLY B 135 0.70 -46.90 -0.63
CA GLY B 135 -0.56 -47.60 -0.96
C GLY B 135 -0.73 -47.74 -2.46
N ASP B 136 -1.90 -48.23 -2.91
CA ASP B 136 -2.30 -48.33 -4.33
C ASP B 136 -3.51 -47.43 -4.60
N ASP B 137 -3.89 -46.61 -3.61
CA ASP B 137 -5.07 -45.70 -3.70
C ASP B 137 -4.83 -44.69 -4.80
N PHE B 138 -3.78 -43.88 -4.66
CA PHE B 138 -3.44 -42.77 -5.59
C PHE B 138 -3.19 -43.35 -6.99
N LEU B 139 -2.38 -44.40 -7.06
CA LEU B 139 -2.10 -45.13 -8.32
C LEU B 139 -3.42 -45.40 -9.04
N ASN B 140 -4.33 -46.15 -8.40
CA ASN B 140 -5.68 -46.46 -8.93
C ASN B 140 -6.28 -45.18 -9.55
N THR B 141 -6.21 -44.06 -8.86
CA THR B 141 -6.80 -42.77 -9.31
C THR B 141 -5.95 -42.19 -10.46
N PHE B 142 -4.63 -42.14 -10.26
CA PHE B 142 -3.66 -41.57 -11.23
C PHE B 142 -3.82 -42.29 -12.58
N VAL B 143 -3.67 -43.63 -12.56
CA VAL B 143 -3.71 -44.51 -13.76
C VAL B 143 -5.10 -44.43 -14.43
N THR B 144 -6.15 -44.09 -13.67
CA THR B 144 -7.51 -43.81 -14.22
C THR B 144 -7.51 -42.48 -14.99
N GLU B 145 -7.15 -41.37 -14.33
CA GLU B 145 -7.19 -40.01 -14.95
C GLU B 145 -6.24 -39.96 -16.16
N HIS B 146 -5.04 -40.52 -16.00
CA HIS B 146 -3.97 -40.56 -17.04
C HIS B 146 -3.96 -41.95 -17.68
N SER B 147 -5.01 -42.25 -18.44
CA SER B 147 -5.27 -43.57 -19.10
C SER B 147 -4.23 -43.88 -20.18
N SER B 148 -3.42 -42.89 -20.61
CA SER B 148 -2.22 -43.08 -21.46
C SER B 148 -1.27 -44.11 -20.81
N ILE B 149 -1.19 -44.13 -19.48
CA ILE B 149 -0.25 -45.00 -18.71
C ILE B 149 -0.66 -46.45 -18.91
N ARG B 150 0.26 -47.28 -19.41
CA ARG B 150 0.07 -48.73 -19.69
C ARG B 150 0.93 -49.57 -18.73
N VAL B 151 2.16 -49.13 -18.46
CA VAL B 151 3.16 -49.82 -17.60
C VAL B 151 3.48 -48.94 -16.39
N VAL B 152 3.54 -49.53 -15.19
CA VAL B 152 3.92 -48.88 -13.91
C VAL B 152 5.06 -49.73 -13.28
N GLN B 153 6.25 -49.14 -13.14
CA GLN B 153 7.40 -49.75 -12.41
C GLN B 153 7.64 -48.95 -11.12
N LEU B 154 7.87 -49.63 -10.00
CA LEU B 154 7.92 -49.03 -8.64
C LEU B 154 9.17 -49.53 -7.89
N LEU B 155 10.01 -48.59 -7.44
CA LEU B 155 11.15 -48.85 -6.53
C LEU B 155 10.61 -49.26 -5.15
N ASN B 156 11.31 -50.18 -4.48
CA ASN B 156 10.98 -50.65 -3.11
C ASN B 156 9.58 -51.28 -3.10
N ASP B 157 9.20 -51.93 -4.21
CA ASP B 157 8.05 -52.87 -4.30
C ASP B 157 8.64 -54.27 -4.42
N SER B 158 8.03 -55.28 -3.81
CA SER B 158 8.37 -56.72 -4.01
C SER B 158 7.19 -57.46 -4.64
N GLY B 159 6.15 -56.72 -5.07
CA GLY B 159 4.99 -57.24 -5.80
C GLY B 159 5.24 -57.28 -7.30
N GLU B 160 4.17 -57.31 -8.11
CA GLU B 160 4.19 -57.46 -9.58
C GLU B 160 5.09 -56.39 -10.23
N HIS B 161 5.07 -55.16 -9.73
CA HIS B 161 5.61 -53.94 -10.39
C HIS B 161 6.99 -53.53 -9.83
N ASN B 162 7.84 -54.49 -9.47
CA ASN B 162 9.16 -54.24 -8.82
C ASN B 162 10.18 -53.77 -9.87
N LEU B 163 10.67 -52.53 -9.77
CA LEU B 163 11.64 -51.94 -10.73
C LEU B 163 12.95 -52.75 -10.71
N GLN B 164 13.30 -53.33 -9.56
CA GLN B 164 14.55 -54.13 -9.36
C GLN B 164 14.55 -55.34 -10.29
N ASP B 165 13.45 -56.09 -10.32
CA ASP B 165 13.35 -57.38 -11.07
C ASP B 165 13.60 -57.08 -12.56
N ALA B 166 13.26 -55.87 -13.02
CA ALA B 166 13.44 -55.40 -14.42
C ALA B 166 14.91 -55.12 -14.70
N ILE B 167 15.58 -54.40 -13.79
CA ILE B 167 17.01 -54.01 -13.91
C ILE B 167 17.88 -55.26 -13.80
N ASN B 168 17.47 -56.24 -13.01
CA ASN B 168 18.26 -57.47 -12.72
C ASN B 168 18.02 -58.53 -13.80
N HIS B 169 17.10 -58.29 -14.76
CA HIS B 169 16.77 -59.25 -15.83
C HIS B 169 17.63 -59.00 -17.06
N PRO B 170 18.59 -59.91 -17.37
CA PRO B 170 19.62 -59.64 -18.38
C PRO B 170 19.02 -59.59 -19.78
N ALA B 171 19.26 -58.50 -20.50
CA ALA B 171 18.83 -58.26 -21.89
C ALA B 171 19.53 -59.27 -22.80
N GLU B 172 18.76 -60.09 -23.53
CA GLU B 172 19.29 -61.22 -24.36
C GLU B 172 20.10 -60.64 -25.53
N ASP B 173 19.44 -60.25 -26.63
CA ASP B 173 20.04 -59.39 -27.69
C ASP B 173 19.24 -58.09 -27.74
N PHE B 174 19.68 -57.09 -26.98
CA PHE B 174 19.11 -55.71 -26.98
C PHE B 174 20.01 -54.80 -27.83
N THR B 175 19.39 -54.15 -28.82
CA THR B 175 20.00 -53.01 -29.56
C THR B 175 19.16 -51.76 -29.27
N ALA B 176 19.82 -50.65 -28.92
CA ALA B 176 19.18 -49.37 -28.53
C ALA B 176 18.55 -48.72 -29.76
N THR B 177 17.46 -47.99 -29.56
CA THR B 177 16.79 -47.16 -30.60
C THR B 177 16.55 -45.77 -30.02
N PRO B 178 17.62 -45.02 -29.70
CA PRO B 178 17.50 -43.64 -29.22
C PRO B 178 16.80 -42.78 -30.27
N SER B 179 15.99 -41.79 -29.85
CA SER B 179 15.36 -40.81 -30.78
C SER B 179 16.46 -40.16 -31.61
N PRO B 180 16.19 -39.64 -32.83
CA PRO B 180 17.20 -38.88 -33.56
C PRO B 180 17.75 -37.72 -32.70
N ALA B 181 19.00 -37.30 -32.96
CA ALA B 181 19.76 -36.32 -32.16
C ALA B 181 19.18 -34.90 -32.29
N ASP B 182 18.47 -34.62 -33.38
CA ASP B 182 17.82 -33.29 -33.61
C ASP B 182 16.35 -33.35 -33.14
N GLU B 183 15.90 -34.51 -32.62
CA GLU B 183 14.57 -34.72 -32.00
C GLU B 183 14.67 -34.62 -30.48
N VAL B 184 13.53 -34.65 -29.79
CA VAL B 184 13.44 -34.54 -28.30
C VAL B 184 14.06 -35.80 -27.67
N ALA B 185 14.89 -35.59 -26.65
CA ALA B 185 15.51 -36.61 -25.78
C ALA B 185 14.74 -36.72 -24.45
N TYR B 186 14.50 -35.59 -23.78
CA TYR B 186 13.73 -35.54 -22.51
C TYR B 186 13.23 -34.13 -22.23
N PHE B 187 12.42 -34.01 -21.17
CA PHE B 187 11.70 -32.79 -20.72
C PHE B 187 12.31 -32.29 -19.39
N GLN B 188 12.84 -31.07 -19.42
CA GLN B 188 13.21 -30.31 -18.20
C GLN B 188 11.94 -29.61 -17.67
N LEU B 189 11.95 -29.23 -16.39
CA LEU B 189 10.87 -28.47 -15.73
C LEU B 189 11.33 -27.01 -15.55
N SER B 190 10.49 -26.04 -15.94
CA SER B 190 10.68 -24.60 -15.62
C SER B 190 10.56 -24.42 -14.11
N GLY B 191 11.19 -23.37 -13.58
CA GLY B 191 10.92 -22.90 -12.21
C GLY B 191 9.45 -22.56 -12.05
N GLY B 192 8.91 -21.87 -13.05
CA GLY B 192 7.48 -21.56 -13.15
C GLY B 192 7.24 -20.05 -13.03
N THR B 193 6.60 -19.48 -14.05
CA THR B 193 6.13 -18.08 -14.09
C THR B 193 4.59 -18.05 -14.23
N THR B 194 3.96 -19.19 -14.50
CA THR B 194 2.52 -19.28 -14.89
C THR B 194 1.77 -20.21 -13.92
N GLY B 195 0.46 -20.37 -14.13
CA GLY B 195 -0.46 -21.09 -13.24
C GLY B 195 -0.31 -22.60 -13.32
N THR B 196 0.17 -23.11 -14.45
CA THR B 196 0.47 -24.56 -14.64
C THR B 196 1.94 -24.70 -15.04
N PRO B 197 2.59 -25.82 -14.67
CA PRO B 197 3.99 -26.05 -15.03
C PRO B 197 4.20 -26.11 -16.55
N LYS B 198 5.27 -25.49 -17.03
CA LYS B 198 5.69 -25.50 -18.46
C LYS B 198 6.90 -26.44 -18.58
N LEU B 199 6.83 -27.42 -19.50
CA LEU B 199 7.90 -28.39 -19.77
C LEU B 199 8.81 -27.83 -20.88
N ILE B 200 10.11 -28.16 -20.81
CA ILE B 200 11.15 -27.65 -21.74
C ILE B 200 11.70 -28.83 -22.54
N PRO B 201 11.36 -28.93 -23.84
CA PRO B 201 11.92 -29.98 -24.69
C PRO B 201 13.43 -29.78 -24.87
N ARG B 202 14.21 -30.81 -24.51
CA ARG B 202 15.67 -30.87 -24.72
C ARG B 202 15.96 -31.96 -25.76
N THR B 203 16.52 -31.55 -26.91
CA THR B 203 17.08 -32.44 -27.95
C THR B 203 18.46 -32.91 -27.48
N HIS B 204 18.89 -34.10 -27.93
CA HIS B 204 20.25 -34.67 -27.70
C HIS B 204 21.31 -33.63 -28.07
N ASN B 205 21.21 -33.04 -29.27
CA ASN B 205 22.16 -32.01 -29.76
C ASN B 205 22.31 -30.90 -28.70
N ASP B 206 21.19 -30.33 -28.26
CA ASP B 206 21.21 -29.13 -27.38
C ASP B 206 21.69 -29.57 -25.98
N TYR B 207 21.15 -30.66 -25.42
CA TYR B 207 21.42 -31.04 -24.01
C TYR B 207 22.85 -31.55 -23.85
N TYR B 208 23.33 -32.34 -24.81
CA TYR B 208 24.69 -32.94 -24.80
C TYR B 208 25.72 -31.82 -24.82
N TYR B 209 25.56 -30.84 -25.72
CA TYR B 209 26.52 -29.72 -25.86
C TYR B 209 26.67 -29.02 -24.51
N SER B 210 25.55 -28.74 -23.84
CA SER B 210 25.54 -28.04 -22.53
C SER B 210 26.35 -28.89 -21.53
N VAL B 211 26.14 -30.21 -21.52
CA VAL B 211 26.94 -31.17 -20.68
C VAL B 211 28.42 -31.11 -21.09
N ARG B 212 28.71 -31.31 -22.38
CA ARG B 212 30.08 -31.42 -22.95
C ARG B 212 30.87 -30.13 -22.67
N ARG B 213 30.24 -28.98 -22.89
CA ARG B 213 30.88 -27.65 -22.74
C ARG B 213 31.08 -27.34 -21.26
N SER B 214 30.14 -27.74 -20.41
CA SER B 214 30.27 -27.62 -18.93
C SER B 214 31.50 -28.40 -18.45
N VAL B 215 31.75 -29.59 -18.99
CA VAL B 215 32.90 -30.46 -18.60
C VAL B 215 34.21 -29.72 -18.90
N GLU B 216 34.37 -29.15 -20.10
CA GLU B 216 35.57 -28.35 -20.48
C GLU B 216 35.84 -27.30 -19.39
N ILE B 217 34.85 -26.49 -19.06
CA ILE B 217 34.99 -25.31 -18.15
C ILE B 217 35.34 -25.79 -16.73
N CYS B 218 34.63 -26.79 -16.20
CA CYS B 218 34.85 -27.31 -14.82
C CYS B 218 35.95 -28.38 -14.82
N GLN B 219 36.57 -28.65 -15.98
CA GLN B 219 37.73 -29.56 -16.13
C GLN B 219 37.48 -30.89 -15.41
N PHE B 220 36.28 -31.44 -15.50
CA PHE B 220 35.96 -32.80 -15.00
C PHE B 220 36.80 -33.83 -15.78
N THR B 221 37.23 -34.90 -15.12
CA THR B 221 38.03 -36.03 -15.69
C THR B 221 37.58 -37.33 -15.01
N GLN B 222 38.30 -38.44 -15.21
CA GLN B 222 38.07 -39.73 -14.47
C GLN B 222 38.32 -39.52 -12.97
N GLN B 223 39.08 -38.49 -12.61
CA GLN B 223 39.47 -38.17 -11.21
C GLN B 223 38.35 -37.39 -10.52
N THR B 224 37.44 -36.76 -11.26
CA THR B 224 36.26 -36.06 -10.69
C THR B 224 35.49 -37.03 -9.79
N ARG B 225 35.36 -36.69 -8.50
CA ARG B 225 34.43 -37.36 -7.55
C ARG B 225 33.42 -36.31 -7.10
N TYR B 226 32.20 -36.39 -7.66
CA TYR B 226 31.12 -35.39 -7.58
C TYR B 226 30.09 -35.84 -6.53
N LEU B 227 29.94 -35.07 -5.46
CA LEU B 227 28.84 -35.26 -4.48
C LEU B 227 27.59 -34.64 -5.10
N CYS B 228 26.60 -35.47 -5.43
CA CYS B 228 25.27 -35.03 -5.91
C CYS B 228 24.31 -35.11 -4.72
N ALA B 229 24.09 -33.96 -4.08
CA ALA B 229 23.39 -33.82 -2.78
C ALA B 229 22.08 -33.04 -2.96
N ILE B 230 22.04 -32.10 -3.91
CA ILE B 230 20.76 -31.41 -4.26
C ILE B 230 19.91 -32.43 -5.02
N PRO B 231 18.59 -32.20 -5.18
CA PRO B 231 17.73 -33.13 -5.92
C PRO B 231 18.35 -33.46 -7.29
N ALA B 232 18.68 -34.74 -7.48
CA ALA B 232 19.55 -35.26 -8.56
C ALA B 232 18.91 -35.05 -9.95
N ALA B 233 17.59 -34.93 -10.00
CA ALA B 233 16.82 -34.81 -11.25
C ALA B 233 16.81 -33.35 -11.77
N HIS B 234 17.24 -32.37 -10.96
CA HIS B 234 17.28 -30.93 -11.36
C HIS B 234 18.41 -30.71 -12.37
N GLY B 235 18.25 -29.77 -13.30
CA GLY B 235 19.18 -29.50 -14.42
C GLY B 235 20.60 -29.14 -13.96
N TYR B 236 20.73 -28.55 -12.77
CA TYR B 236 22.01 -28.08 -12.15
C TYR B 236 22.80 -29.29 -11.66
N ALA B 237 22.09 -30.28 -11.11
CA ALA B 237 22.65 -31.56 -10.58
C ALA B 237 22.84 -32.55 -11.74
N MET B 238 22.26 -32.24 -12.89
CA MET B 238 22.09 -33.19 -14.02
C MET B 238 23.10 -32.86 -15.12
N SER B 239 23.30 -31.58 -15.44
CA SER B 239 23.94 -31.17 -16.72
C SER B 239 24.90 -29.97 -16.59
N SER B 240 25.21 -29.47 -15.39
CA SER B 240 25.91 -28.15 -15.24
C SER B 240 27.11 -28.18 -14.28
N PRO B 241 28.11 -29.06 -14.48
CA PRO B 241 28.07 -30.17 -15.42
C PRO B 241 27.22 -31.36 -14.92
N GLY B 242 27.05 -31.48 -13.60
CA GLY B 242 26.12 -32.42 -12.95
C GLY B 242 26.54 -33.88 -13.14
N SER B 243 25.61 -34.82 -12.93
CA SER B 243 25.84 -36.28 -12.99
C SER B 243 26.30 -36.71 -14.40
N LEU B 244 25.65 -36.20 -15.45
CA LEU B 244 25.97 -36.55 -16.86
C LEU B 244 27.39 -36.07 -17.18
N GLY B 245 27.71 -34.81 -16.90
CA GLY B 245 29.07 -34.23 -17.06
C GLY B 245 30.12 -35.13 -16.43
N VAL B 246 29.81 -35.74 -15.28
CA VAL B 246 30.71 -36.67 -14.53
C VAL B 246 30.85 -37.97 -15.32
N PHE B 247 29.73 -38.58 -15.68
CA PHE B 247 29.67 -39.81 -16.52
C PHE B 247 30.44 -39.58 -17.81
N LEU B 248 30.18 -38.46 -18.51
CA LEU B 248 30.88 -38.15 -19.77
C LEU B 248 32.38 -38.32 -19.53
N ALA B 249 32.87 -37.65 -18.48
CA ALA B 249 34.30 -37.53 -18.12
C ALA B 249 34.86 -38.87 -17.63
N GLY B 250 33.99 -39.74 -17.12
CA GLY B 250 34.36 -41.06 -16.56
C GLY B 250 34.63 -40.98 -15.07
N GLY B 251 34.18 -39.90 -14.41
CA GLY B 251 34.32 -39.68 -12.95
C GLY B 251 33.40 -40.58 -12.13
N THR B 252 33.16 -40.21 -10.88
CA THR B 252 32.25 -40.93 -9.95
C THR B 252 31.23 -39.94 -9.37
N VAL B 253 29.97 -40.34 -9.33
CA VAL B 253 28.87 -39.59 -8.66
C VAL B 253 28.62 -40.25 -7.30
N VAL B 254 28.75 -39.46 -6.23
CA VAL B 254 28.35 -39.86 -4.84
C VAL B 254 26.98 -39.23 -4.57
N LEU B 255 25.96 -40.07 -4.35
CA LEU B 255 24.59 -39.61 -4.04
C LEU B 255 24.43 -39.46 -2.53
N ALA B 256 23.83 -38.34 -2.10
CA ALA B 256 23.37 -38.04 -0.73
C ALA B 256 21.90 -37.62 -0.82
N ALA B 257 21.06 -38.07 0.12
CA ALA B 257 19.60 -37.90 0.10
C ALA B 257 19.24 -36.42 0.16
N ASP B 258 20.08 -35.60 0.80
CA ASP B 258 19.90 -34.12 0.90
C ASP B 258 21.26 -33.48 1.09
N PRO B 259 21.35 -32.13 1.17
CA PRO B 259 22.64 -31.45 1.34
C PRO B 259 22.94 -31.01 2.77
N SER B 260 22.49 -31.76 3.78
CA SER B 260 22.82 -31.53 5.21
C SER B 260 24.29 -31.87 5.47
N ALA B 261 25.00 -31.02 6.21
CA ALA B 261 26.37 -31.27 6.71
C ALA B 261 26.42 -32.63 7.40
N THR B 262 25.34 -33.02 8.10
CA THR B 262 25.23 -34.29 8.86
C THR B 262 25.52 -35.48 7.95
N LEU B 263 25.07 -35.42 6.70
CA LEU B 263 25.10 -36.56 5.74
C LEU B 263 26.34 -36.44 4.83
N CYS B 264 26.64 -35.24 4.36
CA CYS B 264 27.61 -34.94 3.26
C CYS B 264 29.06 -34.89 3.77
N PHE B 265 29.33 -34.25 4.92
CA PHE B 265 30.68 -34.10 5.53
C PHE B 265 31.31 -35.49 5.67
N PRO B 266 30.61 -36.48 6.26
CA PRO B 266 31.09 -37.87 6.21
C PRO B 266 31.35 -38.42 4.79
N LEU B 267 30.42 -38.21 3.86
CA LEU B 267 30.51 -38.74 2.47
C LEU B 267 31.67 -38.07 1.71
N ILE B 268 31.94 -36.79 1.98
CA ILE B 268 33.03 -36.03 1.28
C ILE B 268 34.38 -36.63 1.71
N GLU B 269 34.58 -36.88 3.01
CA GLU B 269 35.85 -37.42 3.57
C GLU B 269 36.00 -38.90 3.20
N LYS B 270 34.94 -39.68 3.41
CA LYS B 270 34.93 -41.16 3.20
C LYS B 270 35.35 -41.50 1.77
N HIS B 271 34.78 -40.79 0.79
CA HIS B 271 34.91 -41.05 -0.68
C HIS B 271 35.86 -40.03 -1.34
N GLN B 272 36.42 -39.10 -0.56
CA GLN B 272 37.42 -38.10 -1.03
C GLN B 272 36.83 -37.31 -2.20
N VAL B 273 35.64 -36.73 -2.02
CA VAL B 273 34.93 -35.87 -3.00
C VAL B 273 35.79 -34.62 -3.26
N ASN B 274 35.89 -34.18 -4.52
CA ASN B 274 36.67 -32.98 -4.91
C ASN B 274 35.79 -31.95 -5.63
N VAL B 275 34.51 -32.25 -5.87
CA VAL B 275 33.55 -31.21 -6.34
C VAL B 275 32.13 -31.61 -5.94
N THR B 276 31.33 -30.60 -5.58
CA THR B 276 29.88 -30.71 -5.30
C THR B 276 29.20 -29.39 -5.70
N ALA B 277 27.88 -29.43 -5.83
CA ALA B 277 27.03 -28.27 -6.15
C ALA B 277 26.08 -28.04 -4.98
N LEU B 278 25.97 -26.79 -4.55
CA LEU B 278 25.07 -26.36 -3.45
C LEU B 278 24.31 -25.11 -3.89
N VAL B 279 23.35 -24.73 -3.05
CA VAL B 279 22.57 -23.46 -3.16
C VAL B 279 22.99 -22.62 -1.95
N PRO B 280 22.82 -21.28 -1.99
CA PRO B 280 23.29 -20.41 -0.91
C PRO B 280 22.96 -20.86 0.52
N PRO B 281 21.70 -21.21 0.86
CA PRO B 281 21.35 -21.57 2.23
C PRO B 281 22.13 -22.80 2.74
N ALA B 282 22.37 -23.79 1.87
CA ALA B 282 23.17 -25.00 2.18
C ALA B 282 24.61 -24.60 2.52
N VAL B 283 25.20 -23.73 1.69
CA VAL B 283 26.57 -23.15 1.91
C VAL B 283 26.59 -22.51 3.30
N SER B 284 25.58 -21.70 3.63
CA SER B 284 25.42 -21.03 4.96
C SER B 284 25.47 -22.08 6.08
N LEU B 285 24.60 -23.10 6.00
CA LEU B 285 24.45 -24.13 7.04
C LEU B 285 25.77 -24.92 7.17
N TRP B 286 26.46 -25.16 6.06
CA TRP B 286 27.79 -25.85 6.05
C TRP B 286 28.80 -25.03 6.86
N LEU B 287 28.92 -23.73 6.58
CA LEU B 287 29.90 -22.83 7.25
C LEU B 287 29.56 -22.76 8.74
N GLN B 288 28.26 -22.76 9.06
CA GLN B 288 27.76 -22.67 10.46
C GLN B 288 28.10 -23.97 11.19
N ALA B 289 27.96 -25.11 10.51
CA ALA B 289 28.27 -26.46 11.03
C ALA B 289 29.76 -26.54 11.38
N LEU B 290 30.62 -25.94 10.55
CA LEU B 290 32.09 -25.87 10.78
C LEU B 290 32.37 -25.07 12.06
N ILE B 291 31.81 -23.85 12.16
CA ILE B 291 31.81 -23.00 13.40
C ILE B 291 31.33 -23.83 14.59
N GLU B 292 30.18 -24.50 14.47
CA GLU B 292 29.56 -25.26 15.58
C GLU B 292 30.38 -26.54 15.87
N GLY B 293 31.51 -26.72 15.17
CA GLY B 293 32.63 -27.59 15.62
C GLY B 293 32.80 -28.86 14.80
N GLU B 294 32.24 -28.93 13.59
CA GLU B 294 32.56 -30.02 12.63
C GLU B 294 34.02 -29.84 12.20
N SER B 295 34.78 -30.93 12.09
CA SER B 295 36.20 -30.96 11.63
C SER B 295 36.29 -30.48 10.17
N ARG B 296 37.05 -29.40 9.94
CA ARG B 296 37.30 -28.80 8.60
C ARG B 296 38.03 -29.82 7.70
N ALA B 297 38.83 -30.71 8.27
CA ALA B 297 39.65 -31.74 7.57
C ALA B 297 38.76 -32.75 6.84
N GLN B 298 37.48 -32.87 7.23
CA GLN B 298 36.47 -33.71 6.53
C GLN B 298 36.28 -33.22 5.08
N LEU B 299 36.57 -31.95 4.80
CA LEU B 299 36.35 -31.30 3.48
C LEU B 299 37.66 -30.97 2.77
N ALA B 300 38.79 -31.54 3.22
CA ALA B 300 40.13 -31.28 2.66
C ALA B 300 40.14 -31.61 1.16
N SER B 301 39.53 -32.75 0.79
CA SER B 301 39.52 -33.32 -0.59
C SER B 301 38.80 -32.38 -1.58
N LEU B 302 37.89 -31.54 -1.07
CA LEU B 302 37.10 -30.57 -1.88
C LEU B 302 38.05 -29.58 -2.55
N LYS B 303 37.99 -29.49 -3.88
CA LYS B 303 38.83 -28.58 -4.72
C LYS B 303 37.94 -27.60 -5.50
N LEU B 304 36.69 -27.97 -5.82
CA LEU B 304 35.68 -27.04 -6.39
C LEU B 304 34.34 -27.21 -5.67
N LEU B 305 33.73 -26.09 -5.26
CA LEU B 305 32.33 -26.03 -4.75
C LEU B 305 31.55 -25.08 -5.65
N GLN B 306 30.63 -25.62 -6.47
CA GLN B 306 29.70 -24.81 -7.30
C GLN B 306 28.61 -24.24 -6.38
N VAL B 307 28.19 -22.99 -6.63
CA VAL B 307 27.04 -22.34 -5.94
C VAL B 307 26.16 -21.66 -6.99
N GLY B 308 24.88 -22.03 -7.04
CA GLY B 308 23.90 -21.50 -8.00
C GLY B 308 22.48 -21.77 -7.53
N GLY B 309 21.50 -21.53 -8.41
CA GLY B 309 20.06 -21.65 -8.11
C GLY B 309 19.49 -20.33 -7.63
N ALA B 310 20.32 -19.51 -6.97
CA ALA B 310 19.96 -18.20 -6.38
C ALA B 310 21.25 -17.39 -6.16
N ARG B 311 21.12 -16.08 -5.92
CA ARG B 311 22.28 -15.16 -5.85
C ARG B 311 23.09 -15.46 -4.57
N LEU B 312 24.41 -15.53 -4.70
CA LEU B 312 25.36 -15.73 -3.57
C LEU B 312 25.92 -14.36 -3.17
N SER B 313 25.60 -13.90 -1.95
CA SER B 313 26.19 -12.68 -1.34
C SER B 313 27.72 -12.80 -1.38
N ALA B 314 28.40 -11.70 -1.70
CA ALA B 314 29.87 -11.59 -1.71
C ALA B 314 30.43 -11.99 -0.33
N THR B 315 29.75 -11.59 0.74
CA THR B 315 30.09 -11.94 2.16
C THR B 315 30.21 -13.47 2.27
N LEU B 316 29.19 -14.19 1.80
CA LEU B 316 29.13 -15.67 1.82
C LEU B 316 30.19 -16.24 0.87
N ALA B 317 30.29 -15.68 -0.34
CA ALA B 317 31.23 -16.09 -1.41
C ALA B 317 32.67 -16.08 -0.87
N ALA B 318 33.08 -14.96 -0.28
CA ALA B 318 34.46 -14.70 0.20
C ALA B 318 34.88 -15.73 1.25
N ARG B 319 33.92 -16.24 2.03
CA ARG B 319 34.16 -17.09 3.22
C ARG B 319 34.44 -18.55 2.82
N ILE B 320 34.10 -18.93 1.58
CA ILE B 320 34.24 -20.32 1.08
C ILE B 320 35.73 -20.69 1.01
N PRO B 321 36.60 -19.95 0.28
CA PRO B 321 38.03 -20.24 0.29
C PRO B 321 38.61 -20.28 1.71
N ALA B 322 38.36 -19.24 2.53
CA ALA B 322 38.88 -19.11 3.93
C ALA B 322 38.43 -20.31 4.79
N GLU B 323 37.12 -20.47 4.99
CA GLU B 323 36.54 -21.36 6.03
C GLU B 323 36.41 -22.80 5.54
N ILE B 324 36.42 -23.05 4.22
CA ILE B 324 36.27 -24.43 3.64
C ILE B 324 37.54 -24.86 2.91
N GLY B 325 38.23 -23.96 2.19
CA GLY B 325 39.56 -24.23 1.60
C GLY B 325 39.45 -24.94 0.25
N CYS B 326 38.54 -24.45 -0.60
CA CYS B 326 38.38 -24.86 -2.02
C CYS B 326 38.03 -23.61 -2.86
N GLN B 327 38.20 -23.72 -4.17
CA GLN B 327 37.81 -22.68 -5.16
C GLN B 327 36.28 -22.70 -5.30
N LEU B 328 35.67 -21.51 -5.40
CA LEU B 328 34.22 -21.29 -5.65
C LEU B 328 33.99 -21.15 -7.15
N GLN B 329 32.89 -21.73 -7.65
CA GLN B 329 32.31 -21.41 -8.98
C GLN B 329 30.87 -20.95 -8.75
N GLN B 330 30.53 -19.73 -9.18
CA GLN B 330 29.13 -19.24 -9.21
C GLN B 330 28.50 -19.73 -10.51
N VAL B 331 27.34 -20.40 -10.42
CA VAL B 331 26.60 -20.95 -11.58
C VAL B 331 25.25 -20.24 -11.63
N PHE B 332 25.05 -19.39 -12.63
CA PHE B 332 23.75 -18.74 -12.93
C PHE B 332 23.21 -19.36 -14.23
N GLY B 333 22.24 -20.26 -14.08
CA GLY B 333 21.64 -21.02 -15.18
C GLY B 333 20.15 -21.21 -14.97
N MET B 334 19.49 -21.81 -15.96
CA MET B 334 18.03 -22.02 -16.02
C MET B 334 17.76 -23.26 -16.87
N ALA B 335 16.67 -23.99 -16.56
CA ALA B 335 16.27 -25.25 -17.23
C ALA B 335 15.98 -24.99 -18.71
N GLU B 336 15.62 -23.75 -19.05
CA GLU B 336 15.34 -23.29 -20.44
C GLU B 336 16.61 -23.36 -21.29
N GLY B 337 17.79 -23.23 -20.68
CA GLY B 337 19.09 -23.38 -21.37
C GLY B 337 20.20 -22.60 -20.71
N LEU B 338 20.55 -21.44 -21.29
CA LEU B 338 21.66 -20.51 -20.87
C LEU B 338 22.13 -20.80 -19.44
N VAL B 339 23.43 -21.05 -19.30
CA VAL B 339 24.13 -21.23 -18.00
C VAL B 339 25.42 -20.40 -18.06
N ASN B 340 25.54 -19.47 -17.12
CA ASN B 340 26.73 -18.62 -16.91
C ASN B 340 27.57 -19.25 -15.80
N TYR B 341 28.88 -19.32 -16.01
CA TYR B 341 29.85 -19.86 -15.02
C TYR B 341 30.90 -18.78 -14.73
N THR B 342 31.47 -18.78 -13.53
CA THR B 342 32.83 -18.23 -13.28
C THR B 342 33.80 -19.30 -13.74
N ARG B 343 34.91 -18.90 -14.35
CA ARG B 343 35.96 -19.82 -14.84
C ARG B 343 36.88 -20.13 -13.65
N LEU B 344 37.60 -21.24 -13.72
CA LEU B 344 38.50 -21.72 -12.63
C LEU B 344 39.72 -20.79 -12.51
N ASP B 345 40.05 -20.05 -13.57
CA ASP B 345 41.23 -19.14 -13.63
C ASP B 345 40.78 -17.68 -13.46
N ASP B 346 39.50 -17.42 -13.19
CA ASP B 346 38.94 -16.05 -13.00
C ASP B 346 39.60 -15.40 -11.77
N SER B 347 39.66 -14.07 -11.76
CA SER B 347 40.10 -13.22 -10.62
C SER B 347 39.09 -13.34 -9.49
N ALA B 348 39.56 -13.45 -8.23
CA ALA B 348 38.71 -13.46 -7.02
C ALA B 348 37.60 -12.42 -7.15
N GLU B 349 37.90 -11.26 -7.75
CA GLU B 349 36.93 -10.14 -7.87
C GLU B 349 35.69 -10.62 -8.63
N LYS B 350 35.85 -11.41 -9.69
CA LYS B 350 34.75 -11.90 -10.57
C LYS B 350 34.04 -13.11 -9.95
N ILE B 351 34.76 -13.96 -9.22
CA ILE B 351 34.19 -15.18 -8.57
C ILE B 351 33.30 -14.80 -7.38
N ILE B 352 33.55 -13.64 -6.77
CA ILE B 352 32.93 -13.23 -5.48
C ILE B 352 31.73 -12.32 -5.74
N HIS B 353 31.80 -11.45 -6.77
CA HIS B 353 30.86 -10.31 -6.98
C HIS B 353 30.00 -10.48 -8.25
N THR B 354 30.28 -11.45 -9.12
CA THR B 354 29.49 -11.71 -10.36
C THR B 354 29.10 -13.18 -10.45
N GLN B 355 28.22 -13.50 -11.40
CA GLN B 355 27.74 -14.87 -11.70
C GLN B 355 28.33 -15.31 -13.04
N GLY B 356 29.48 -14.76 -13.43
CA GLY B 356 30.22 -15.21 -14.62
C GLY B 356 29.61 -14.68 -15.92
N TYR B 357 29.85 -15.39 -17.02
CA TYR B 357 29.36 -15.10 -18.40
C TYR B 357 29.00 -16.42 -19.07
N PRO B 358 28.22 -16.41 -20.17
CA PRO B 358 27.71 -17.64 -20.79
C PRO B 358 28.80 -18.66 -21.19
N MET B 359 28.47 -19.95 -21.11
CA MET B 359 29.42 -21.08 -21.36
C MET B 359 29.77 -21.16 -22.85
N CYS B 360 28.91 -20.66 -23.73
CA CYS B 360 29.06 -20.75 -25.21
C CYS B 360 29.43 -19.38 -25.77
N PRO B 361 30.44 -19.30 -26.68
CA PRO B 361 30.77 -18.03 -27.33
C PRO B 361 29.57 -17.50 -28.11
N ASP B 362 28.77 -18.40 -28.69
CA ASP B 362 27.58 -18.10 -29.52
C ASP B 362 26.30 -18.11 -28.68
N ASP B 363 26.41 -18.23 -27.35
CA ASP B 363 25.36 -17.74 -26.41
C ASP B 363 25.27 -16.22 -26.58
N GLU B 364 24.09 -15.71 -26.89
CA GLU B 364 23.84 -14.27 -27.16
C GLU B 364 23.03 -13.67 -26.01
N VAL B 365 23.51 -12.58 -25.41
CA VAL B 365 22.85 -11.97 -24.22
C VAL B 365 22.87 -10.44 -24.37
N TRP B 366 21.70 -9.83 -24.48
CA TRP B 366 21.52 -8.36 -24.37
C TRP B 366 20.54 -8.07 -23.21
N VAL B 367 20.44 -6.80 -22.81
CA VAL B 367 19.69 -6.31 -21.61
C VAL B 367 18.58 -5.38 -22.10
N ALA B 368 17.33 -5.85 -22.02
CA ALA B 368 16.13 -5.15 -22.54
C ALA B 368 15.60 -4.16 -21.49
N ASP B 369 15.10 -3.01 -21.94
CA ASP B 369 14.29 -2.07 -21.11
C ASP B 369 12.84 -2.56 -21.13
N ALA B 370 11.95 -1.84 -20.44
CA ALA B 370 10.54 -2.23 -20.22
C ALA B 370 9.81 -2.49 -21.56
N GLU B 371 10.19 -1.77 -22.62
CA GLU B 371 9.57 -1.88 -23.97
C GLU B 371 10.19 -3.09 -24.71
N GLY B 372 11.52 -3.16 -24.76
CA GLY B 372 12.27 -4.27 -25.40
C GLY B 372 13.36 -3.75 -26.33
N ASN B 373 14.04 -2.66 -25.94
CA ASN B 373 15.17 -2.06 -26.70
C ASN B 373 16.46 -2.34 -25.95
N PRO B 374 17.62 -2.44 -26.64
CA PRO B 374 18.89 -2.72 -25.97
C PRO B 374 19.26 -1.55 -25.03
N LEU B 375 19.72 -1.86 -23.82
CA LEU B 375 20.31 -0.87 -22.88
C LEU B 375 21.83 -0.99 -22.94
N PRO B 376 22.57 0.14 -22.85
CA PRO B 376 24.03 0.10 -22.95
C PRO B 376 24.70 -0.57 -21.73
N GLN B 377 26.00 -0.82 -21.86
CA GLN B 377 26.83 -1.80 -21.09
C GLN B 377 26.37 -2.00 -19.63
N GLY B 378 26.62 -1.05 -18.73
CA GLY B 378 26.50 -1.27 -17.27
C GLY B 378 25.09 -1.04 -16.73
N GLU B 379 24.09 -0.92 -17.61
CA GLU B 379 22.69 -0.60 -17.21
C GLU B 379 21.98 -1.88 -16.76
N VAL B 380 20.98 -1.76 -15.89
CA VAL B 380 20.17 -2.88 -15.32
C VAL B 380 18.89 -3.04 -16.16
N GLY B 381 18.58 -4.28 -16.56
CA GLY B 381 17.32 -4.60 -17.27
C GLY B 381 17.15 -6.10 -17.49
N ARG B 382 16.13 -6.47 -18.26
CA ARG B 382 15.69 -7.87 -18.51
C ARG B 382 16.73 -8.63 -19.33
N LEU B 383 17.16 -9.79 -18.84
CA LEU B 383 18.02 -10.76 -19.56
C LEU B 383 17.25 -11.30 -20.77
N MET B 384 17.69 -10.95 -21.99
CA MET B 384 17.25 -11.54 -23.29
C MET B 384 18.38 -12.40 -23.84
N THR B 385 18.14 -13.69 -24.09
CA THR B 385 19.16 -14.67 -24.54
C THR B 385 18.59 -15.64 -25.58
N ARG B 386 19.45 -16.10 -26.49
CA ARG B 386 19.23 -17.28 -27.36
C ARG B 386 20.59 -17.92 -27.64
N GLY B 387 20.61 -19.20 -27.97
CA GLY B 387 21.88 -19.92 -28.20
C GLY B 387 21.65 -21.39 -28.56
N PRO B 388 22.74 -22.15 -28.80
CA PRO B 388 22.66 -23.55 -29.22
C PRO B 388 22.05 -24.56 -28.25
N TYR B 389 21.95 -24.23 -26.96
CA TYR B 389 21.34 -25.09 -25.92
C TYR B 389 20.19 -24.34 -25.21
N THR B 390 19.95 -23.08 -25.56
CA THR B 390 18.75 -22.31 -25.14
C THR B 390 17.59 -22.62 -26.09
N PHE B 391 16.51 -23.19 -25.55
CA PHE B 391 15.31 -23.70 -26.27
C PHE B 391 14.58 -22.59 -27.03
N ARG B 392 13.55 -22.96 -27.79
CA ARG B 392 12.77 -22.05 -28.67
C ARG B 392 11.27 -22.15 -28.39
N GLY B 393 10.86 -22.89 -27.36
CA GLY B 393 9.44 -23.00 -26.99
C GLY B 393 9.21 -24.04 -25.93
N TYR B 394 8.39 -23.73 -24.94
CA TYR B 394 7.87 -24.72 -23.97
C TYR B 394 7.08 -25.74 -24.78
N TYR B 395 6.84 -26.92 -24.21
CA TYR B 395 6.07 -28.02 -24.85
C TYR B 395 4.60 -27.62 -24.95
N LYS B 396 4.01 -27.75 -26.14
CA LYS B 396 2.56 -27.55 -26.42
C LYS B 396 2.01 -26.32 -25.70
N SER B 397 2.67 -25.15 -25.80
CA SER B 397 2.28 -23.90 -25.11
C SER B 397 2.29 -22.71 -26.07
N PRO B 398 1.49 -22.77 -27.17
CA PRO B 398 1.45 -21.68 -28.15
C PRO B 398 1.07 -20.34 -27.54
N GLN B 399 0.19 -20.36 -26.53
CA GLN B 399 -0.30 -19.16 -25.80
C GLN B 399 0.92 -18.50 -25.14
N HIS B 400 1.64 -19.24 -24.28
CA HIS B 400 2.74 -18.70 -23.44
C HIS B 400 3.99 -18.43 -24.30
N ASN B 401 4.22 -19.26 -25.32
CA ASN B 401 5.40 -19.16 -26.22
C ASN B 401 5.35 -17.80 -26.94
N ALA B 402 4.16 -17.37 -27.35
CA ALA B 402 3.93 -16.06 -28.00
C ALA B 402 4.51 -14.94 -27.12
N SER B 403 4.29 -15.03 -25.79
CA SER B 403 4.71 -14.02 -24.78
C SER B 403 6.20 -14.16 -24.45
N ALA B 404 6.71 -15.39 -24.41
CA ALA B 404 8.00 -15.75 -23.77
C ALA B 404 9.19 -15.36 -24.66
N PHE B 405 8.97 -15.25 -25.97
CA PHE B 405 10.02 -14.95 -26.99
C PHE B 405 9.63 -13.71 -27.81
N ASP B 406 10.63 -12.90 -28.18
CA ASP B 406 10.49 -11.75 -29.11
C ASP B 406 10.50 -12.28 -30.55
N ALA B 407 10.45 -11.37 -31.52
CA ALA B 407 10.35 -11.63 -32.98
C ALA B 407 11.50 -12.52 -33.46
N ASN B 408 12.71 -12.34 -32.91
CA ASN B 408 13.96 -12.98 -33.42
C ASN B 408 14.31 -14.27 -32.62
N GLY B 409 13.42 -14.73 -31.75
CA GLY B 409 13.57 -16.01 -31.01
C GLY B 409 14.41 -15.87 -29.76
N PHE B 410 14.61 -14.65 -29.28
CA PHE B 410 15.27 -14.34 -27.98
C PHE B 410 14.27 -14.65 -26.86
N TYR B 411 14.70 -15.47 -25.89
CA TYR B 411 13.95 -15.81 -24.67
C TYR B 411 14.23 -14.73 -23.62
N CYS B 412 13.19 -14.22 -22.95
CA CYS B 412 13.35 -13.42 -21.71
C CYS B 412 13.29 -14.38 -20.52
N SER B 413 14.30 -14.36 -19.66
CA SER B 413 14.41 -15.25 -18.47
C SER B 413 13.60 -14.67 -17.29
N GLY B 414 13.10 -13.44 -17.44
CA GLY B 414 12.40 -12.70 -16.37
C GLY B 414 13.33 -12.32 -15.24
N ASP B 415 14.64 -12.39 -15.48
CA ASP B 415 15.71 -11.94 -14.55
C ASP B 415 16.10 -10.51 -14.94
N LEU B 416 16.40 -9.67 -13.96
CA LEU B 416 17.04 -8.35 -14.18
C LEU B 416 18.55 -8.50 -13.92
N ILE B 417 19.37 -8.01 -14.85
CA ILE B 417 20.84 -8.18 -14.82
C ILE B 417 21.49 -6.88 -15.30
N SER B 418 22.74 -6.66 -14.89
CA SER B 418 23.70 -5.71 -15.50
C SER B 418 24.88 -6.53 -16.02
N ILE B 419 25.63 -5.96 -16.97
CA ILE B 419 26.87 -6.57 -17.53
C ILE B 419 28.03 -5.60 -17.27
N ASP B 420 29.15 -6.13 -16.76
CA ASP B 420 30.45 -5.42 -16.56
C ASP B 420 31.02 -4.92 -17.87
N PRO B 421 31.93 -3.92 -17.82
CA PRO B 421 32.86 -3.67 -18.92
C PRO B 421 33.62 -4.92 -19.41
N GLU B 422 33.89 -5.87 -18.50
CA GLU B 422 34.66 -7.12 -18.78
C GLU B 422 33.74 -8.20 -19.38
N GLY B 423 32.41 -7.98 -19.39
CA GLY B 423 31.42 -8.83 -20.06
C GLY B 423 30.79 -9.86 -19.13
N TYR B 424 30.91 -9.67 -17.80
CA TYR B 424 30.41 -10.59 -16.75
C TYR B 424 29.01 -10.15 -16.29
N ILE B 425 28.12 -11.12 -16.07
CA ILE B 425 26.70 -10.91 -15.66
C ILE B 425 26.61 -10.90 -14.12
N THR B 426 25.97 -9.87 -13.58
CA THR B 426 25.52 -9.77 -12.16
C THR B 426 24.00 -9.77 -12.14
N VAL B 427 23.38 -10.66 -11.36
CA VAL B 427 21.90 -10.71 -11.16
C VAL B 427 21.52 -9.64 -10.15
N GLN B 428 20.65 -8.69 -10.54
CA GLN B 428 20.27 -7.51 -9.74
C GLN B 428 18.86 -7.67 -9.18
N GLY B 429 18.04 -8.56 -9.76
CA GLY B 429 16.65 -8.78 -9.32
C GLY B 429 15.86 -9.64 -10.28
N ARG B 430 14.55 -9.40 -10.35
CA ARG B 430 13.62 -10.33 -11.03
C ARG B 430 12.32 -9.61 -11.42
N GLU B 431 11.84 -9.85 -12.64
CA GLU B 431 10.53 -9.35 -13.12
C GLU B 431 9.49 -10.48 -13.13
N LYS B 432 9.89 -11.73 -13.37
CA LYS B 432 8.95 -12.88 -13.48
C LYS B 432 8.31 -13.13 -12.12
N ASP B 433 7.02 -13.44 -12.12
CA ASP B 433 6.17 -13.65 -10.91
C ASP B 433 6.57 -14.98 -10.27
N GLN B 434 7.80 -15.04 -9.74
CA GLN B 434 8.44 -16.26 -9.18
C GLN B 434 9.12 -15.91 -7.84
N ILE B 435 8.93 -16.76 -6.84
CA ILE B 435 9.70 -16.73 -5.56
C ILE B 435 10.83 -17.75 -5.67
N ASN B 436 12.04 -17.36 -5.23
CA ASN B 436 13.25 -18.23 -5.22
C ASN B 436 13.55 -18.60 -3.76
N ARG B 437 12.91 -19.67 -3.28
CA ARG B 437 13.01 -20.14 -1.88
C ARG B 437 14.27 -21.00 -1.71
N GLY B 438 15.40 -20.36 -1.41
CA GLY B 438 16.71 -21.00 -1.25
C GLY B 438 17.13 -21.78 -2.48
N GLY B 439 16.72 -21.31 -3.68
CA GLY B 439 17.05 -21.95 -4.97
C GLY B 439 15.84 -22.65 -5.57
N GLU B 440 14.91 -23.12 -4.73
CA GLU B 440 13.66 -23.81 -5.16
C GLU B 440 12.67 -22.76 -5.66
N LYS B 441 12.04 -23.03 -6.81
CA LYS B 441 11.21 -22.05 -7.54
C LYS B 441 9.73 -22.34 -7.28
N ILE B 442 8.98 -21.30 -6.92
CA ILE B 442 7.50 -21.30 -6.75
C ILE B 442 6.92 -20.28 -7.74
N ALA B 443 6.04 -20.75 -8.64
CA ALA B 443 5.17 -19.90 -9.48
C ALA B 443 4.06 -19.33 -8.59
N ALA B 444 4.16 -18.03 -8.29
CA ALA B 444 3.24 -17.26 -7.42
C ALA B 444 1.79 -17.51 -7.86
N GLU B 445 1.57 -17.51 -9.18
CA GLU B 445 0.24 -17.63 -9.82
C GLU B 445 -0.35 -19.00 -9.53
N GLU B 446 0.46 -20.06 -9.57
CA GLU B 446 0.07 -21.46 -9.26
C GLU B 446 -0.59 -21.50 -7.88
N ILE B 447 0.06 -20.86 -6.90
CA ILE B 447 -0.32 -20.88 -5.45
C ILE B 447 -1.51 -19.94 -5.25
N GLU B 448 -1.50 -18.77 -5.88
CA GLU B 448 -2.61 -17.77 -5.79
C GLU B 448 -3.91 -18.44 -6.28
N ASN B 449 -3.85 -19.18 -7.38
CA ASN B 449 -5.04 -19.86 -7.96
C ASN B 449 -5.58 -20.87 -6.94
N LEU B 450 -4.69 -21.62 -6.29
CA LEU B 450 -5.06 -22.62 -5.24
C LEU B 450 -5.70 -21.91 -4.04
N LEU B 451 -5.09 -20.82 -3.58
CA LEU B 451 -5.60 -20.00 -2.44
C LEU B 451 -7.02 -19.49 -2.75
N LEU B 452 -7.30 -19.10 -4.00
CA LEU B 452 -8.61 -18.55 -4.41
C LEU B 452 -9.68 -19.64 -4.36
N ARG B 453 -9.30 -20.91 -4.45
CA ARG B 453 -10.24 -22.05 -4.26
C ARG B 453 -10.88 -21.98 -2.87
N HIS B 454 -10.13 -21.53 -1.86
CA HIS B 454 -10.58 -21.47 -0.43
C HIS B 454 -11.81 -20.57 -0.31
N PRO B 455 -12.89 -21.03 0.35
CA PRO B 455 -14.15 -20.28 0.43
C PRO B 455 -14.04 -18.88 1.05
N ALA B 456 -13.09 -18.69 1.97
CA ALA B 456 -12.87 -17.43 2.71
C ALA B 456 -12.08 -16.43 1.84
N VAL B 457 -11.33 -16.93 0.86
CA VAL B 457 -10.30 -16.13 0.11
C VAL B 457 -10.96 -15.47 -1.10
N ILE B 458 -11.06 -14.15 -1.05
CA ILE B 458 -11.56 -13.30 -2.17
C ILE B 458 -10.40 -13.09 -3.14
N TYR B 459 -9.27 -12.55 -2.67
CA TYR B 459 -8.06 -12.19 -3.46
C TYR B 459 -6.81 -12.72 -2.79
N ALA B 460 -5.83 -13.13 -3.60
CA ALA B 460 -4.54 -13.69 -3.16
C ALA B 460 -3.38 -12.96 -3.85
N ALA B 461 -2.34 -12.62 -3.09
CA ALA B 461 -1.04 -12.12 -3.57
C ALA B 461 0.07 -12.87 -2.83
N LEU B 462 0.80 -13.73 -3.55
CA LEU B 462 2.03 -14.40 -3.04
C LEU B 462 3.24 -13.56 -3.45
N VAL B 463 4.05 -13.11 -2.48
CA VAL B 463 5.24 -12.25 -2.71
C VAL B 463 6.44 -12.83 -1.96
N SER B 464 7.64 -12.57 -2.47
CA SER B 464 8.93 -12.76 -1.75
C SER B 464 8.96 -11.85 -0.52
N MET B 465 9.58 -12.33 0.55
CA MET B 465 10.10 -11.46 1.64
C MET B 465 11.54 -11.90 1.92
N GLU B 466 12.45 -10.95 2.10
CA GLU B 466 13.86 -11.20 2.50
C GLU B 466 13.86 -12.21 3.67
N ASP B 467 14.76 -13.20 3.60
CA ASP B 467 15.06 -14.17 4.69
C ASP B 467 16.57 -14.45 4.65
N GLU B 468 17.27 -14.30 5.79
CA GLU B 468 18.76 -14.30 5.82
C GLU B 468 19.27 -15.65 5.31
N LEU B 469 18.70 -16.76 5.79
CA LEU B 469 19.13 -18.13 5.42
C LEU B 469 18.81 -18.41 3.96
N MET B 470 17.52 -18.28 3.61
CA MET B 470 16.90 -18.86 2.38
C MET B 470 16.95 -17.88 1.22
N GLY B 471 17.38 -16.64 1.47
CA GLY B 471 17.34 -15.55 0.46
C GLY B 471 15.94 -14.99 0.35
N GLU B 472 14.95 -15.86 0.17
CA GLU B 472 13.50 -15.49 0.11
C GLU B 472 12.64 -16.57 0.75
N LYS B 473 11.57 -16.14 1.41
CA LYS B 473 10.48 -17.01 1.95
C LYS B 473 9.17 -16.54 1.32
N SER B 474 8.16 -17.41 1.25
CA SER B 474 6.83 -17.14 0.66
C SER B 474 5.96 -16.44 1.70
N CYS B 475 5.26 -15.37 1.30
CA CYS B 475 4.22 -14.69 2.10
C CYS B 475 2.94 -14.52 1.28
N ALA B 476 1.84 -15.09 1.77
CA ALA B 476 0.51 -15.04 1.14
C ALA B 476 -0.30 -13.88 1.74
N TYR B 477 -0.63 -12.87 0.93
CA TYR B 477 -1.56 -11.77 1.27
C TYR B 477 -2.96 -12.15 0.78
N LEU B 478 -3.91 -12.25 1.70
CA LEU B 478 -5.28 -12.74 1.41
C LEU B 478 -6.28 -11.66 1.84
N VAL B 479 -7.22 -11.34 0.95
CA VAL B 479 -8.42 -10.52 1.24
C VAL B 479 -9.54 -11.52 1.51
N VAL B 480 -10.02 -11.57 2.76
CA VAL B 480 -10.75 -12.74 3.32
C VAL B 480 -12.13 -12.30 3.80
N LYS B 481 -13.10 -13.21 3.71
CA LYS B 481 -14.50 -13.02 4.17
C LYS B 481 -14.54 -12.94 5.71
N GLU B 482 -13.66 -13.68 6.39
CA GLU B 482 -13.32 -13.43 7.81
C GLU B 482 -11.89 -13.88 8.07
N PRO B 483 -11.21 -13.32 9.10
CA PRO B 483 -9.87 -13.73 9.50
C PRO B 483 -9.63 -15.26 9.50
N LEU B 484 -8.43 -15.64 9.08
CA LEU B 484 -8.00 -17.00 8.67
C LEU B 484 -6.57 -17.19 9.18
N ARG B 485 -6.29 -18.25 9.93
CA ARG B 485 -4.94 -18.51 10.51
C ARG B 485 -4.07 -19.26 9.51
N ALA B 486 -2.75 -18.99 9.53
CA ALA B 486 -1.71 -19.61 8.67
C ALA B 486 -1.90 -21.13 8.58
N VAL B 487 -2.16 -21.82 9.69
CA VAL B 487 -2.32 -23.32 9.73
C VAL B 487 -3.49 -23.73 8.82
N GLN B 488 -4.53 -22.90 8.75
CA GLN B 488 -5.77 -23.22 7.98
C GLN B 488 -5.42 -23.19 6.49
N VAL B 489 -4.79 -22.09 6.05
CA VAL B 489 -4.28 -21.89 4.66
C VAL B 489 -3.34 -23.05 4.31
N ARG B 490 -2.37 -23.32 5.17
CA ARG B 490 -1.32 -24.34 4.91
C ARG B 490 -1.99 -25.73 4.84
N ARG B 491 -2.81 -26.10 5.83
CA ARG B 491 -3.53 -27.40 5.86
C ARG B 491 -4.32 -27.56 4.56
N PHE B 492 -5.02 -26.49 4.17
CA PHE B 492 -5.88 -26.42 2.96
C PHE B 492 -5.05 -26.70 1.71
N LEU B 493 -3.90 -26.05 1.57
CA LEU B 493 -3.02 -26.18 0.37
C LEU B 493 -2.43 -27.59 0.31
N ARG B 494 -2.15 -28.20 1.47
CA ARG B 494 -1.60 -29.58 1.55
C ARG B 494 -2.65 -30.57 1.04
N GLU B 495 -3.94 -30.31 1.33
CA GLU B 495 -5.08 -31.11 0.82
C GLU B 495 -5.08 -31.05 -0.72
N GLN B 496 -4.91 -29.84 -1.28
CA GLN B 496 -4.86 -29.61 -2.76
C GLN B 496 -3.73 -30.46 -3.36
N GLY B 497 -2.70 -30.79 -2.58
CA GLY B 497 -1.68 -31.79 -2.92
C GLY B 497 -0.51 -31.16 -3.64
N ILE B 498 0.29 -30.36 -2.93
CA ILE B 498 1.47 -29.65 -3.52
C ILE B 498 2.71 -29.90 -2.65
N ALA B 499 3.88 -29.56 -3.16
CA ALA B 499 5.20 -29.73 -2.52
C ALA B 499 5.30 -28.82 -1.29
N GLU B 500 5.97 -29.28 -0.24
CA GLU B 500 6.07 -28.54 1.05
C GLU B 500 6.64 -27.15 0.81
N PHE B 501 7.75 -27.03 0.08
CA PHE B 501 8.47 -25.75 -0.13
C PHE B 501 7.51 -24.69 -0.68
N LYS B 502 6.40 -25.11 -1.31
CA LYS B 502 5.40 -24.23 -1.98
C LYS B 502 4.41 -23.61 -0.99
N LEU B 503 4.26 -24.20 0.21
CA LEU B 503 3.37 -23.69 1.29
C LEU B 503 3.89 -22.36 1.80
N PRO B 504 3.06 -21.31 1.91
CA PRO B 504 3.53 -19.99 2.36
C PRO B 504 4.11 -20.02 3.79
N ASP B 505 5.36 -19.60 3.91
CA ASP B 505 6.07 -19.48 5.21
C ASP B 505 5.30 -18.50 6.09
N ARG B 506 4.51 -17.61 5.49
CA ARG B 506 3.80 -16.52 6.20
C ARG B 506 2.46 -16.21 5.52
N VAL B 507 1.43 -15.94 6.31
CA VAL B 507 0.08 -15.50 5.86
C VAL B 507 -0.25 -14.17 6.52
N GLU B 508 -0.96 -13.30 5.79
CA GLU B 508 -1.34 -11.92 6.22
C GLU B 508 -2.71 -11.60 5.64
N CYS B 509 -3.77 -11.56 6.46
CA CYS B 509 -5.13 -11.17 6.01
C CYS B 509 -5.23 -9.64 5.98
N VAL B 510 -5.66 -9.07 4.86
CA VAL B 510 -5.76 -7.59 4.65
C VAL B 510 -7.15 -7.26 4.07
N ASP B 511 -7.59 -6.01 4.22
CA ASP B 511 -8.89 -5.51 3.70
C ASP B 511 -8.81 -5.31 2.18
N SER B 512 -7.67 -4.83 1.69
CA SER B 512 -7.46 -4.34 0.30
C SER B 512 -6.02 -4.61 -0.16
N LEU B 513 -5.81 -4.63 -1.48
CA LEU B 513 -4.48 -4.84 -2.13
C LEU B 513 -4.13 -3.64 -2.98
N PRO B 514 -2.83 -3.26 -3.07
CA PRO B 514 -2.43 -2.09 -3.86
C PRO B 514 -2.36 -2.36 -5.37
N LEU B 515 -2.90 -1.44 -6.19
CA LEU B 515 -3.14 -1.56 -7.65
C LEU B 515 -2.46 -0.40 -8.40
N THR B 516 -2.24 -0.56 -9.71
CA THR B 516 -1.63 0.45 -10.63
C THR B 516 -2.56 0.69 -11.82
N LYS B 520 -3.82 -3.98 -11.21
CA LYS B 520 -2.49 -4.65 -11.33
C LYS B 520 -1.78 -4.64 -9.97
N VAL B 521 -1.69 -5.80 -9.30
CA VAL B 521 -1.23 -5.94 -7.88
C VAL B 521 0.26 -5.60 -7.81
N ASP B 522 0.61 -4.64 -6.95
CA ASP B 522 2.01 -4.14 -6.75
C ASP B 522 2.65 -5.02 -5.68
N LYS B 523 3.25 -6.13 -6.11
CA LYS B 523 4.01 -7.06 -5.22
C LYS B 523 5.26 -6.34 -4.73
N LYS B 524 5.85 -5.47 -5.56
CA LYS B 524 7.05 -4.64 -5.26
C LYS B 524 6.82 -3.89 -3.93
N GLN B 525 5.64 -3.28 -3.72
CA GLN B 525 5.31 -2.50 -2.49
C GLN B 525 5.05 -3.47 -1.34
N LEU B 526 4.32 -4.57 -1.59
CA LEU B 526 3.93 -5.59 -0.57
C LEU B 526 5.17 -6.15 0.14
N ARG B 527 6.31 -6.26 -0.55
CA ARG B 527 7.61 -6.67 0.05
C ARG B 527 8.03 -5.66 1.12
N GLN B 528 7.86 -4.36 0.82
CA GLN B 528 8.24 -3.23 1.70
C GLN B 528 7.29 -3.17 2.90
N TRP B 529 6.24 -4.00 2.93
CA TRP B 529 5.27 -4.20 4.04
C TRP B 529 4.20 -3.09 4.00
CL VQ5 C . -17.96 27.37 18.53
C16 VQ5 C . -16.40 26.47 18.35
C15 VQ5 C . -16.25 25.70 17.22
C20 VQ5 C . -17.45 25.70 16.30
C17 VQ5 C . -15.38 26.56 19.29
C18 VQ5 C . -14.20 25.86 19.10
C19 VQ5 C . -14.04 25.07 17.97
C14 VQ5 C . -15.06 24.99 17.01
C13 VQ5 C . -14.83 24.12 15.81
O5 VQ5 C . -13.91 23.32 15.84
N6 VQ5 C . -15.64 24.23 14.76
S VQ5 C . -15.60 23.32 13.46
O11 VQ5 C . -14.75 24.05 12.55
O12 VQ5 C . -16.94 23.20 12.95
O4 VQ5 C . -15.01 21.92 13.67
C10 VQ5 C . -15.52 20.97 14.59
C1 VQ5 C . -14.41 19.95 14.83
C2 VQ5 C . -14.71 18.96 15.94
O2 VQ5 C . -15.54 17.91 15.47
C3 VQ5 C . -13.33 18.48 16.28
O3 VQ5 C . -12.98 17.44 15.38
C4 VQ5 C . -12.44 19.70 16.04
O1 VQ5 C . -13.20 20.59 15.24
N1 VQ5 C . -12.11 20.37 17.30
C7 VQ5 C . -12.59 21.53 17.75
N2 VQ5 C . -12.04 21.84 18.95
C5 VQ5 C . -11.25 19.89 18.19
N3 VQ5 C . -10.48 18.77 18.23
C9 VQ5 C . -9.69 18.55 19.29
N4 VQ5 C . -9.62 19.43 20.32
C8 VQ5 C . -10.37 20.58 20.32
C6 VQ5 C . -11.21 20.83 19.24
N5 VQ5 C . -10.33 21.48 21.34
CL VQ5 D . 21.56 -26.22 -15.21
C16 VQ5 D . 21.40 -24.99 -13.90
C15 VQ5 D . 20.13 -24.56 -13.58
C20 VQ5 D . 19.05 -25.21 -14.40
C17 VQ5 D . 22.49 -24.47 -13.22
C18 VQ5 D . 22.30 -23.53 -12.21
C19 VQ5 D . 21.04 -23.09 -11.89
C14 VQ5 D . 19.93 -23.61 -12.56
C13 VQ5 D . 18.57 -23.09 -12.17
O5 VQ5 D . 18.47 -22.20 -11.35
N6 VQ5 D . 17.49 -23.60 -12.77
S VQ5 D . 16.01 -23.11 -12.64
O11 VQ5 D . 15.49 -23.84 -11.51
O12 VQ5 D . 15.33 -23.41 -13.86
O4 VQ5 D . 15.87 -21.62 -12.34
C10 VQ5 D . 16.42 -20.63 -13.19
C1 VQ5 D . 16.35 -19.32 -12.43
C2 VQ5 D . 17.12 -18.18 -13.06
O2 VQ5 D . 16.36 -17.55 -14.10
C3 VQ5 D . 17.33 -17.29 -11.87
O3 VQ5 D . 16.13 -16.54 -11.60
C4 VQ5 D . 17.61 -18.29 -10.77
O1 VQ5 D . 16.98 -19.51 -11.16
N1 VQ5 D . 19.06 -18.51 -10.58
C7 VQ5 D . 19.78 -19.62 -10.86
N2 VQ5 D . 21.09 -19.40 -10.55
C5 VQ5 D . 19.88 -17.59 -10.11
N3 VQ5 D . 19.66 -16.31 -9.68
C9 VQ5 D . 20.71 -15.60 -9.24
N4 VQ5 D . 21.96 -16.12 -9.21
C8 VQ5 D . 22.21 -17.38 -9.63
C6 VQ5 D . 21.16 -18.15 -10.09
N5 VQ5 D . 23.45 -17.91 -9.60
#